data_2FH3
#
_entry.id   2FH3
#
_cell.length_a   85.107
_cell.length_b   90.526
_cell.length_c   156.584
_cell.angle_alpha   90.00
_cell.angle_beta   90.00
_cell.angle_gamma   90.00
#
_symmetry.space_group_name_H-M   'P 21 21 21'
#
loop_
_entity.id
_entity.type
_entity.pdbx_description
1 polymer Gelsolin
2 non-polymer 'CALCIUM ION'
3 water water
#
_entity_poly.entity_id   1
_entity_poly.type   'polypeptide(L)'
_entity_poly.pdbx_seq_one_letter_code
;MDDDGTGQKQIWRIEGSNKVPVDPATYGQFYGGDSYIILYNYRHGGRQGQIIYNWQGAQSTQDEVAASAILTAQLDEELG
GTPVQSRVVQGKEPAHLMSLFGGKPMIIYKGGTSREGGQTAPASTRLFQVRANSAGATRAVEVLPKAGALNSNDAFVLKT
PSAAYLWVGTGASEAEKTGAQELLRVLRAQPVQVAEGSEPDGFWEALGGKAAYRTSPRLKDKKMDAHPPRLFACSNKIGR
FVIEEVPGELMQEDLATDDVMLLDTWDQVFVWVGKDSQEEEKTEALTSAKRYIETDPANRDRRTPITVVKQGFEPPSFVG
WFLGWDDDYWSVDPLDRAMAELAA
;
_entity_poly.pdbx_strand_id   A,B,C
#
loop_
_chem_comp.id
_chem_comp.type
_chem_comp.name
_chem_comp.formula
CA non-polymer 'CALCIUM ION' 'Ca 2'
#
# COMPACT_ATOMS: atom_id res chain seq x y z
N MET A 1 -46.62 -11.71 -14.56
CA MET A 1 -47.08 -12.95 -13.87
C MET A 1 -47.59 -12.61 -12.47
N ASP A 2 -48.92 -12.56 -12.33
CA ASP A 2 -49.54 -12.24 -11.05
C ASP A 2 -49.48 -13.37 -10.01
N ASP A 3 -49.20 -14.59 -10.47
CA ASP A 3 -49.07 -15.75 -9.58
C ASP A 3 -48.10 -15.48 -8.43
N ASP A 4 -48.42 -15.93 -7.23
CA ASP A 4 -47.63 -15.60 -6.03
C ASP A 4 -46.40 -16.48 -5.78
N GLY A 5 -46.20 -17.49 -6.62
CA GLY A 5 -45.00 -18.30 -6.58
C GLY A 5 -45.03 -19.38 -5.51
N THR A 6 -46.22 -19.75 -5.07
CA THR A 6 -46.36 -20.68 -3.96
C THR A 6 -46.87 -22.04 -4.43
N GLY A 7 -46.92 -22.22 -5.75
CA GLY A 7 -47.33 -23.49 -6.30
C GLY A 7 -46.30 -24.56 -6.07
N GLN A 8 -46.69 -25.80 -6.34
CA GLN A 8 -45.78 -26.92 -6.21
C GLN A 8 -44.68 -26.79 -7.26
N LYS A 9 -43.44 -27.07 -6.87
CA LYS A 9 -42.32 -27.00 -7.79
C LYS A 9 -41.34 -28.15 -7.64
N GLN A 10 -40.82 -28.65 -8.76
CA GLN A 10 -39.73 -29.61 -8.72
C GLN A 10 -38.51 -29.01 -9.42
N ILE A 11 -37.37 -29.03 -8.74
CA ILE A 11 -36.11 -28.55 -9.31
C ILE A 11 -35.14 -29.70 -9.48
N TRP A 12 -34.79 -30.01 -10.73
CA TRP A 12 -33.71 -30.96 -11.03
C TRP A 12 -32.44 -30.22 -11.42
N ARG A 13 -31.29 -30.87 -11.23
CA ARG A 13 -30.01 -30.34 -11.72
C ARG A 13 -29.44 -31.19 -12.84
N ILE A 14 -28.97 -30.52 -13.89
CA ILE A 14 -28.28 -31.20 -14.99
C ILE A 14 -26.95 -31.81 -14.49
N GLU A 15 -26.88 -33.13 -14.54
CA GLU A 15 -25.67 -33.87 -14.17
C GLU A 15 -25.40 -34.88 -15.28
N GLY A 16 -24.34 -34.64 -16.04
CA GLY A 16 -24.09 -35.45 -17.22
C GLY A 16 -25.17 -35.19 -18.25
N SER A 17 -25.84 -36.26 -18.66
CA SER A 17 -26.91 -36.14 -19.66
C SER A 17 -28.26 -36.42 -19.04
N ASN A 18 -28.30 -36.47 -17.70
CA ASN A 18 -29.55 -36.67 -16.97
C ASN A 18 -29.93 -35.44 -16.15
N LYS A 19 -31.20 -35.37 -15.78
CA LYS A 19 -31.60 -34.45 -14.74
C LYS A 19 -31.66 -35.22 -13.42
N VAL A 20 -31.21 -34.58 -12.34
CA VAL A 20 -31.15 -35.25 -11.05
C VAL A 20 -31.85 -34.38 -10.02
N PRO A 21 -32.80 -34.96 -9.25
CA PRO A 21 -33.54 -34.13 -8.29
C PRO A 21 -32.61 -33.44 -7.31
N VAL A 22 -32.96 -32.22 -6.95
CA VAL A 22 -32.19 -31.43 -6.00
C VAL A 22 -32.84 -31.64 -4.63
N ASP A 23 -32.02 -31.74 -3.58
CA ASP A 23 -32.55 -31.85 -2.23
C ASP A 23 -33.66 -30.81 -2.01
N PRO A 24 -34.91 -31.25 -1.81
CA PRO A 24 -36.01 -30.28 -1.69
C PRO A 24 -35.84 -29.34 -0.49
N ALA A 25 -34.96 -29.72 0.43
CA ALA A 25 -34.60 -28.87 1.57
C ALA A 25 -33.77 -27.67 1.14
N THR A 26 -33.18 -27.76 -0.06
CA THR A 26 -32.22 -26.75 -0.53
C THR A 26 -32.76 -25.89 -1.68
N TYR A 27 -33.94 -26.23 -2.20
CA TYR A 27 -34.58 -25.41 -3.24
C TYR A 27 -34.37 -23.95 -2.90
N GLY A 28 -33.81 -23.21 -3.85
CA GLY A 28 -33.42 -21.84 -3.62
C GLY A 28 -31.92 -21.65 -3.61
N GLN A 29 -31.18 -22.73 -3.42
CA GLN A 29 -29.73 -22.68 -3.53
C GLN A 29 -29.27 -23.43 -4.77
N PHE A 30 -28.42 -22.77 -5.56
CA PHE A 30 -27.95 -23.32 -6.83
C PHE A 30 -26.44 -23.17 -6.94
N TYR A 31 -25.81 -24.09 -7.67
CA TYR A 31 -24.40 -23.97 -8.02
C TYR A 31 -24.25 -23.14 -9.30
N GLY A 32 -23.49 -22.06 -9.23
CA GLY A 32 -23.21 -21.24 -10.41
C GLY A 32 -22.52 -21.99 -11.54
N GLY A 33 -21.95 -23.15 -11.24
CA GLY A 33 -21.28 -23.94 -12.25
C GLY A 33 -22.20 -24.93 -12.94
N ASP A 34 -23.47 -24.92 -12.58
CA ASP A 34 -24.41 -25.92 -13.09
C ASP A 34 -25.64 -25.32 -13.78
N SER A 35 -26.34 -26.17 -14.51
CA SER A 35 -27.61 -25.78 -15.12
C SER A 35 -28.76 -26.50 -14.44
N TYR A 36 -29.91 -25.86 -14.39
CA TYR A 36 -31.06 -26.42 -13.70
C TYR A 36 -32.33 -26.36 -14.57
N ILE A 37 -33.30 -27.21 -14.21
CA ILE A 37 -34.66 -27.17 -14.76
C ILE A 37 -35.66 -27.11 -13.60
N ILE A 38 -36.55 -26.12 -13.65
CA ILE A 38 -37.58 -25.98 -12.62
C ILE A 38 -38.97 -26.20 -13.22
N LEU A 39 -39.61 -27.29 -12.84
CA LEU A 39 -41.00 -27.48 -13.24
C LEU A 39 -41.89 -26.87 -12.17
N TYR A 40 -42.65 -25.85 -12.59
CA TYR A 40 -43.49 -25.11 -11.67
C TYR A 40 -44.98 -25.25 -11.99
N ASN A 41 -45.70 -25.91 -11.08
CA ASN A 41 -47.14 -26.07 -11.18
C ASN A 41 -47.80 -25.01 -10.35
N TYR A 42 -48.79 -24.35 -10.93
CA TYR A 42 -49.55 -23.36 -10.19
C TYR A 42 -51.02 -23.34 -10.64
N ARG A 43 -51.80 -22.53 -9.91
CA ARG A 43 -53.18 -22.24 -10.26
C ARG A 43 -53.38 -20.76 -9.96
N HIS A 44 -53.87 -20.02 -10.93
CA HIS A 44 -54.08 -18.59 -10.77
C HIS A 44 -55.27 -18.15 -11.62
N GLY A 45 -56.07 -17.23 -11.07
CA GLY A 45 -57.29 -16.76 -11.73
C GLY A 45 -58.24 -17.85 -12.20
N GLY A 46 -58.25 -18.99 -11.52
CA GLY A 46 -59.15 -20.10 -11.86
C GLY A 46 -58.55 -21.18 -12.74
N ARG A 47 -57.49 -20.83 -13.48
CA ARG A 47 -56.84 -21.77 -14.39
C ARG A 47 -55.52 -22.32 -13.83
N GLN A 48 -55.27 -23.60 -14.08
CA GLN A 48 -53.97 -24.21 -13.78
C GLN A 48 -52.98 -23.96 -14.92
N GLY A 49 -51.74 -23.65 -14.56
CA GLY A 49 -50.70 -23.44 -15.56
C GLY A 49 -49.47 -24.26 -15.23
N GLN A 50 -48.51 -24.29 -16.15
CA GLN A 50 -47.22 -24.88 -15.90
C GLN A 50 -46.14 -24.08 -16.57
N ILE A 51 -45.07 -23.82 -15.83
CA ILE A 51 -43.89 -23.18 -16.37
C ILE A 51 -42.72 -24.10 -16.15
N ILE A 52 -41.91 -24.26 -17.18
CA ILE A 52 -40.58 -24.79 -17.05
C ILE A 52 -39.58 -23.62 -17.17
N TYR A 53 -38.86 -23.38 -16.07
CA TYR A 53 -37.74 -22.44 -16.07
C TYR A 53 -36.48 -23.25 -16.29
N ASN A 54 -35.71 -22.84 -17.29
CA ASN A 54 -34.42 -23.42 -17.58
C ASN A 54 -33.34 -22.49 -17.10
N TRP A 55 -32.83 -22.74 -15.90
CA TRP A 55 -31.87 -21.83 -15.31
C TRP A 55 -30.42 -22.23 -15.61
N GLN A 56 -29.71 -21.36 -16.31
CA GLN A 56 -28.29 -21.58 -16.64
C GLN A 56 -27.32 -20.81 -15.73
N GLY A 57 -26.51 -21.57 -14.98
CA GLY A 57 -25.48 -20.97 -14.13
C GLY A 57 -24.41 -20.26 -14.92
N ALA A 58 -23.84 -19.20 -14.33
CA ALA A 58 -22.87 -18.35 -15.00
C ALA A 58 -21.65 -19.13 -15.46
N GLN A 59 -21.25 -20.14 -14.67
CA GLN A 59 -20.09 -20.97 -15.01
C GLN A 59 -20.46 -22.31 -15.63
N SER A 60 -21.70 -22.45 -16.09
CA SER A 60 -22.15 -23.71 -16.69
C SER A 60 -21.50 -23.94 -18.06
N THR A 61 -20.92 -25.13 -18.22
CA THR A 61 -20.21 -25.49 -19.44
C THR A 61 -21.19 -25.65 -20.62
N GLN A 62 -20.65 -25.64 -21.84
CA GLN A 62 -21.45 -25.76 -23.06
C GLN A 62 -22.15 -27.11 -23.17
N ASP A 63 -21.53 -28.18 -22.63
CA ASP A 63 -22.17 -29.51 -22.69
C ASP A 63 -23.34 -29.66 -21.71
N GLU A 64 -23.23 -29.06 -20.54
CA GLU A 64 -24.33 -28.95 -19.60
C GLU A 64 -25.50 -28.22 -20.25
N VAL A 65 -25.19 -27.16 -20.99
CA VAL A 65 -26.20 -26.40 -21.71
C VAL A 65 -26.89 -27.27 -22.77
N ALA A 66 -26.10 -27.99 -23.56
CA ALA A 66 -26.64 -28.91 -24.57
C ALA A 66 -27.52 -29.99 -23.93
N ALA A 67 -27.10 -30.51 -22.78
CA ALA A 67 -27.85 -31.56 -22.07
C ALA A 67 -29.22 -31.09 -21.54
N SER A 68 -29.30 -29.84 -21.09
CA SER A 68 -30.57 -29.33 -20.59
C SER A 68 -31.56 -29.13 -21.71
N ALA A 69 -31.06 -28.83 -22.91
CA ALA A 69 -31.92 -28.69 -24.09
C ALA A 69 -32.66 -29.99 -24.41
N ILE A 70 -31.93 -31.12 -24.44
CA ILE A 70 -32.55 -32.41 -24.67
C ILE A 70 -33.48 -32.69 -23.50
N LEU A 71 -32.98 -32.47 -22.29
CA LEU A 71 -33.73 -32.81 -21.08
C LEU A 71 -35.04 -32.07 -21.02
N THR A 72 -35.03 -30.80 -21.40
CA THR A 72 -36.27 -30.00 -21.43
C THR A 72 -37.23 -30.58 -22.47
N ALA A 73 -36.74 -30.74 -23.70
CA ALA A 73 -37.52 -31.33 -24.79
C ALA A 73 -38.25 -32.60 -24.33
N GLN A 74 -37.53 -33.45 -23.59
CA GLN A 74 -38.12 -34.67 -23.03
C GLN A 74 -39.26 -34.35 -22.09
N LEU A 75 -38.98 -33.50 -21.10
CA LEU A 75 -39.96 -33.10 -20.11
C LEU A 75 -41.17 -32.45 -20.76
N ASP A 76 -40.94 -31.55 -21.70
CA ASP A 76 -42.03 -30.91 -22.44
C ASP A 76 -42.95 -31.97 -23.05
N GLU A 77 -42.39 -32.93 -23.78
CA GLU A 77 -43.18 -34.00 -24.39
C GLU A 77 -43.87 -34.90 -23.39
N GLU A 78 -43.16 -35.26 -22.33
CA GLU A 78 -43.73 -36.07 -21.26
C GLU A 78 -45.01 -35.42 -20.72
N LEU A 79 -45.04 -34.09 -20.66
CA LEU A 79 -46.19 -33.37 -20.14
C LEU A 79 -47.16 -33.01 -21.25
N GLY A 80 -47.03 -33.70 -22.37
CA GLY A 80 -47.85 -33.47 -23.55
C GLY A 80 -47.83 -32.04 -24.03
N GLY A 81 -46.66 -31.43 -24.05
CA GLY A 81 -46.46 -30.11 -24.65
C GLY A 81 -47.34 -28.98 -24.12
N THR A 82 -47.72 -29.09 -22.86
CA THR A 82 -48.65 -28.15 -22.25
C THR A 82 -47.97 -26.91 -21.62
N PRO A 83 -46.76 -27.05 -21.07
CA PRO A 83 -46.24 -25.94 -20.25
C PRO A 83 -45.67 -24.77 -21.05
N VAL A 84 -45.49 -23.65 -20.36
CA VAL A 84 -44.82 -22.45 -20.87
C VAL A 84 -43.30 -22.56 -20.65
N GLN A 85 -42.51 -22.27 -21.67
CA GLN A 85 -41.07 -22.41 -21.59
C GLN A 85 -40.39 -21.06 -21.42
N SER A 86 -39.35 -21.03 -20.60
CA SER A 86 -38.60 -19.81 -20.31
C SER A 86 -37.15 -20.17 -20.02
N ARG A 87 -36.26 -19.67 -20.87
CA ARG A 87 -34.83 -19.87 -20.72
C ARG A 87 -34.29 -18.67 -19.97
N VAL A 88 -33.53 -18.91 -18.92
CA VAL A 88 -33.06 -17.85 -18.03
C VAL A 88 -31.59 -18.05 -17.68
N VAL A 89 -30.78 -17.00 -17.80
CA VAL A 89 -29.38 -17.09 -17.38
C VAL A 89 -29.19 -16.41 -16.03
N GLN A 90 -28.22 -16.90 -15.26
CA GLN A 90 -27.93 -16.35 -13.93
C GLN A 90 -27.90 -14.82 -13.94
N GLY A 91 -28.63 -14.20 -13.01
CA GLY A 91 -28.67 -12.75 -12.88
C GLY A 91 -29.74 -12.03 -13.70
N LYS A 92 -30.41 -12.77 -14.59
CA LYS A 92 -31.50 -12.19 -15.36
C LYS A 92 -32.82 -12.88 -15.07
N GLU A 93 -32.97 -13.42 -13.87
CA GLU A 93 -34.20 -14.10 -13.47
C GLU A 93 -35.31 -13.06 -13.44
N PRO A 94 -36.47 -13.38 -14.02
CA PRO A 94 -37.64 -12.51 -13.85
C PRO A 94 -38.19 -12.59 -12.45
N ALA A 95 -38.85 -11.52 -12.00
CA ALA A 95 -39.48 -11.46 -10.68
C ALA A 95 -40.17 -12.76 -10.25
N HIS A 96 -40.98 -13.31 -11.16
CA HIS A 96 -41.74 -14.51 -10.81
C HIS A 96 -40.84 -15.66 -10.39
N LEU A 97 -39.68 -15.81 -11.05
CA LEU A 97 -38.79 -16.92 -10.72
C LEU A 97 -38.21 -16.72 -9.32
N MET A 98 -37.78 -15.47 -9.05
CA MET A 98 -37.20 -15.12 -7.76
C MET A 98 -38.16 -15.38 -6.60
N SER A 99 -39.46 -15.32 -6.87
CA SER A 99 -40.50 -15.46 -5.85
C SER A 99 -40.80 -16.90 -5.41
N LEU A 100 -40.38 -17.86 -6.23
CA LEU A 100 -40.68 -19.27 -6.01
C LEU A 100 -40.12 -19.81 -4.69
N PHE A 101 -39.22 -19.07 -4.06
CA PHE A 101 -38.51 -19.58 -2.88
C PHE A 101 -38.97 -18.98 -1.54
N GLY A 102 -40.24 -18.56 -1.49
CA GLY A 102 -40.87 -18.11 -0.25
C GLY A 102 -40.34 -16.83 0.37
N GLY A 103 -39.91 -15.89 -0.46
CA GLY A 103 -39.30 -14.66 0.02
C GLY A 103 -37.81 -14.81 0.31
N LYS A 104 -37.34 -16.06 0.34
CA LYS A 104 -35.93 -16.34 0.57
C LYS A 104 -35.10 -15.83 -0.62
N PRO A 105 -33.82 -15.48 -0.38
CA PRO A 105 -32.99 -15.04 -1.49
C PRO A 105 -32.44 -16.22 -2.26
N MET A 106 -32.14 -15.98 -3.54
CA MET A 106 -31.45 -16.99 -4.34
C MET A 106 -29.96 -17.01 -3.95
N ILE A 107 -29.49 -18.18 -3.53
CA ILE A 107 -28.09 -18.36 -3.15
C ILE A 107 -27.37 -19.13 -4.24
N ILE A 108 -26.32 -18.52 -4.78
CA ILE A 108 -25.54 -19.15 -5.84
C ILE A 108 -24.12 -19.44 -5.36
N TYR A 109 -23.80 -20.71 -5.26
CA TYR A 109 -22.53 -21.18 -4.76
C TYR A 109 -21.47 -21.26 -5.84
N LYS A 110 -20.23 -20.92 -5.50
CA LYS A 110 -19.10 -21.25 -6.34
C LYS A 110 -19.06 -22.76 -6.53
N GLY A 111 -18.64 -23.20 -7.72
CA GLY A 111 -18.49 -24.63 -7.98
C GLY A 111 -19.68 -25.29 -8.63
N GLY A 112 -19.81 -26.59 -8.39
CA GLY A 112 -20.85 -27.38 -9.04
C GLY A 112 -20.39 -28.78 -9.37
N THR A 113 -21.05 -29.42 -10.32
CA THR A 113 -20.59 -30.73 -10.79
C THR A 113 -20.16 -30.72 -12.25
N SER A 114 -19.46 -31.78 -12.66
CA SER A 114 -19.17 -32.06 -14.08
C SER A 114 -19.00 -33.58 -14.24
N ARG A 115 -18.77 -34.03 -15.47
CA ARG A 115 -18.57 -35.47 -15.74
C ARG A 115 -17.24 -35.94 -15.17
N GLU A 116 -16.18 -35.17 -15.42
CA GLU A 116 -14.82 -35.53 -15.00
C GLU A 116 -14.65 -35.44 -13.48
N GLY A 117 -14.75 -34.23 -12.93
CA GLY A 117 -14.45 -33.95 -11.53
C GLY A 117 -15.54 -34.27 -10.51
N GLY A 118 -16.76 -34.49 -10.96
CA GLY A 118 -17.89 -34.75 -10.05
C GLY A 118 -18.26 -33.54 -9.20
N GLN A 119 -18.85 -33.77 -8.03
CA GLN A 119 -19.23 -32.67 -7.13
C GLN A 119 -18.00 -32.04 -6.43
N THR A 120 -17.76 -30.75 -6.67
CA THR A 120 -16.68 -30.05 -5.98
C THR A 120 -17.08 -29.86 -4.51
N ALA A 121 -16.09 -29.76 -3.64
CA ALA A 121 -16.33 -29.49 -2.22
C ALA A 121 -16.29 -27.99 -1.93
N PRO A 122 -17.06 -27.54 -0.92
CA PRO A 122 -17.02 -26.11 -0.56
C PRO A 122 -15.72 -25.77 0.17
N ALA A 123 -15.20 -24.57 -0.06
CA ALA A 123 -13.99 -24.10 0.63
C ALA A 123 -14.22 -23.87 2.12
N SER A 124 -13.14 -23.82 2.90
CA SER A 124 -13.26 -23.68 4.37
C SER A 124 -13.56 -22.23 4.80
N THR A 125 -13.01 -21.28 4.04
CA THR A 125 -13.35 -19.87 4.21
C THR A 125 -14.02 -19.40 2.92
N ARG A 126 -15.19 -18.80 3.06
CA ARG A 126 -15.95 -18.39 1.88
C ARG A 126 -16.75 -17.12 2.08
N LEU A 127 -16.77 -16.28 1.04
CA LEU A 127 -17.39 -14.96 1.08
C LEU A 127 -18.56 -14.90 0.09
N PHE A 128 -19.65 -14.26 0.50
CA PHE A 128 -20.83 -14.09 -0.35
C PHE A 128 -21.20 -12.64 -0.51
N GLN A 129 -21.49 -12.23 -1.74
CA GLN A 129 -21.97 -10.89 -2.04
C GLN A 129 -23.48 -10.88 -2.12
N VAL A 130 -24.14 -10.17 -1.21
CA VAL A 130 -25.60 -10.18 -1.15
C VAL A 130 -26.16 -8.89 -1.70
N ARG A 131 -26.71 -8.95 -2.90
CA ARG A 131 -27.25 -7.77 -3.56
C ARG A 131 -28.72 -7.94 -3.93
N ALA A 132 -29.52 -6.93 -3.63
CA ALA A 132 -30.91 -6.91 -4.02
C ALA A 132 -31.16 -5.74 -4.96
N ASN A 133 -32.04 -5.96 -5.93
CA ASN A 133 -32.43 -4.93 -6.89
C ASN A 133 -33.50 -4.00 -6.32
N SER A 134 -33.91 -3.02 -7.12
CA SER A 134 -34.97 -2.07 -6.78
C SER A 134 -36.19 -2.75 -6.16
N ALA A 135 -36.60 -3.87 -6.73
CA ALA A 135 -37.86 -4.50 -6.36
C ALA A 135 -37.74 -5.43 -5.15
N GLY A 136 -36.54 -5.57 -4.61
CA GLY A 136 -36.34 -6.38 -3.42
C GLY A 136 -35.98 -7.84 -3.66
N ALA A 137 -35.91 -8.24 -4.93
CA ALA A 137 -35.35 -9.55 -5.28
C ALA A 137 -33.88 -9.56 -4.84
N THR A 138 -33.47 -10.60 -4.12
CA THR A 138 -32.17 -10.62 -3.46
C THR A 138 -31.33 -11.81 -3.93
N ARG A 139 -30.07 -11.56 -4.24
CA ARG A 139 -29.16 -12.63 -4.67
C ARG A 139 -27.92 -12.63 -3.81
N ALA A 140 -27.56 -13.81 -3.29
CA ALA A 140 -26.34 -13.98 -2.51
C ALA A 140 -25.40 -14.85 -3.33
N VAL A 141 -24.40 -14.23 -3.94
CA VAL A 141 -23.49 -14.92 -4.83
C VAL A 141 -22.16 -15.15 -4.13
N GLU A 142 -21.69 -16.39 -4.14
CA GLU A 142 -20.41 -16.70 -3.54
C GLU A 142 -19.33 -16.18 -4.46
N VAL A 143 -18.30 -15.60 -3.84
CA VAL A 143 -17.11 -15.09 -4.55
C VAL A 143 -15.85 -15.45 -3.75
N LEU A 144 -14.70 -14.99 -4.23
CA LEU A 144 -13.43 -15.29 -3.59
C LEU A 144 -13.26 -14.50 -2.31
N PRO A 145 -12.88 -15.19 -1.23
CA PRO A 145 -12.82 -14.53 0.08
C PRO A 145 -11.58 -13.66 0.30
N LYS A 146 -11.40 -12.63 -0.54
CA LYS A 146 -10.34 -11.62 -0.39
C LYS A 146 -10.93 -10.27 -0.02
N ALA A 147 -10.19 -9.49 0.75
CA ALA A 147 -10.60 -8.13 1.09
C ALA A 147 -11.05 -7.31 -0.13
N GLY A 148 -10.38 -7.52 -1.26
CA GLY A 148 -10.61 -6.73 -2.46
C GLY A 148 -11.99 -6.92 -3.06
N ALA A 149 -12.66 -8.01 -2.67
CA ALA A 149 -13.93 -8.40 -3.26
C ALA A 149 -15.16 -7.65 -2.73
N LEU A 150 -14.98 -6.94 -1.62
CA LEU A 150 -16.06 -6.19 -0.98
C LEU A 150 -16.44 -4.97 -1.81
N ASN A 151 -17.69 -4.55 -1.68
CA ASN A 151 -18.12 -3.26 -2.19
C ASN A 151 -19.14 -2.64 -1.23
N SER A 152 -19.05 -1.32 -1.06
CA SER A 152 -19.84 -0.59 -0.06
C SER A 152 -21.36 -0.60 -0.30
N ASN A 153 -21.79 -0.98 -1.49
CA ASN A 153 -23.22 -0.92 -1.83
C ASN A 153 -24.04 -2.14 -1.38
N ASP A 154 -23.36 -3.19 -0.90
CA ASP A 154 -24.06 -4.43 -0.57
C ASP A 154 -23.67 -4.96 0.81
N ALA A 155 -24.35 -6.02 1.23
CA ALA A 155 -24.00 -6.70 2.47
C ALA A 155 -23.24 -7.96 2.11
N PHE A 156 -22.24 -8.29 2.92
CA PHE A 156 -21.46 -9.50 2.67
C PHE A 156 -21.55 -10.46 3.83
N VAL A 157 -21.48 -11.74 3.52
CA VAL A 157 -21.37 -12.81 4.51
C VAL A 157 -19.98 -13.46 4.38
N LEU A 158 -19.28 -13.57 5.50
CA LEU A 158 -17.98 -14.24 5.59
C LEU A 158 -18.09 -15.40 6.58
N LYS A 159 -17.73 -16.59 6.11
CA LYS A 159 -17.80 -17.80 6.92
C LYS A 159 -16.45 -18.52 6.92
N THR A 160 -15.72 -18.40 8.03
CA THR A 160 -14.49 -19.16 8.25
C THR A 160 -14.87 -20.39 9.08
N PRO A 161 -13.94 -21.36 9.23
CA PRO A 161 -14.24 -22.51 10.09
C PRO A 161 -14.57 -22.07 11.51
N SER A 162 -13.80 -21.13 12.05
CA SER A 162 -13.95 -20.69 13.43
C SER A 162 -14.93 -19.53 13.68
N ALA A 163 -15.40 -18.85 12.63
CA ALA A 163 -16.24 -17.66 12.83
C ALA A 163 -17.10 -17.27 11.63
N ALA A 164 -18.13 -16.46 11.88
CA ALA A 164 -18.95 -15.85 10.82
C ALA A 164 -19.09 -14.34 11.00
N TYR A 165 -19.19 -13.60 9.89
CA TYR A 165 -19.31 -12.13 9.91
C TYR A 165 -20.36 -11.65 8.91
N LEU A 166 -21.15 -10.67 9.32
CA LEU A 166 -22.12 -10.04 8.43
C LEU A 166 -21.69 -8.60 8.26
N TRP A 167 -21.05 -8.33 7.13
CA TRP A 167 -20.50 -7.04 6.84
C TRP A 167 -21.53 -6.25 6.05
N VAL A 168 -21.82 -5.05 6.51
CA VAL A 168 -22.88 -4.22 5.92
C VAL A 168 -22.26 -2.96 5.35
N GLY A 169 -22.29 -2.83 4.03
CA GLY A 169 -21.82 -1.62 3.37
C GLY A 169 -22.66 -0.42 3.71
N THR A 170 -22.04 0.76 3.73
CA THR A 170 -22.73 2.02 3.96
C THR A 170 -23.98 2.11 3.07
N GLY A 171 -23.87 1.58 1.85
CA GLY A 171 -24.95 1.59 0.88
C GLY A 171 -25.88 0.39 0.83
N ALA A 172 -25.66 -0.59 1.70
CA ALA A 172 -26.50 -1.79 1.70
C ALA A 172 -27.92 -1.48 2.14
N SER A 173 -28.89 -2.21 1.59
CA SER A 173 -30.29 -2.04 1.94
C SER A 173 -30.76 -3.08 2.95
N GLU A 174 -31.92 -2.82 3.57
CA GLU A 174 -32.52 -3.76 4.51
C GLU A 174 -32.76 -5.11 3.88
N ALA A 175 -33.16 -5.12 2.61
CA ALA A 175 -33.34 -6.35 1.85
C ALA A 175 -32.03 -7.11 1.80
N GLU A 176 -30.94 -6.40 1.53
CA GLU A 176 -29.63 -7.02 1.48
C GLU A 176 -29.20 -7.56 2.83
N LYS A 177 -29.56 -6.87 3.91
CA LYS A 177 -29.24 -7.34 5.25
C LYS A 177 -30.08 -8.57 5.64
N THR A 178 -31.37 -8.56 5.29
CA THR A 178 -32.24 -9.70 5.55
C THR A 178 -31.73 -10.92 4.79
N GLY A 179 -31.40 -10.69 3.52
CA GLY A 179 -30.84 -11.75 2.67
C GLY A 179 -29.62 -12.39 3.30
N ALA A 180 -28.70 -11.55 3.79
CA ALA A 180 -27.49 -12.01 4.45
C ALA A 180 -27.82 -12.94 5.63
N GLN A 181 -28.83 -12.56 6.40
CA GLN A 181 -29.26 -13.34 7.55
C GLN A 181 -29.79 -14.72 7.16
N GLU A 182 -30.56 -14.76 6.07
CA GLU A 182 -31.06 -16.02 5.56
C GLU A 182 -29.95 -16.97 5.07
N LEU A 183 -28.95 -16.41 4.39
CA LEU A 183 -27.79 -17.18 3.96
C LEU A 183 -27.10 -17.77 5.17
N LEU A 184 -26.98 -16.97 6.22
CA LEU A 184 -26.35 -17.41 7.45
C LEU A 184 -27.14 -18.53 8.13
N ARG A 185 -28.47 -18.44 8.04
CA ARG A 185 -29.33 -19.51 8.52
C ARG A 185 -29.09 -20.82 7.73
N VAL A 186 -28.93 -20.73 6.41
CA VAL A 186 -28.61 -21.89 5.57
C VAL A 186 -27.20 -22.42 5.85
N LEU A 187 -26.27 -21.50 6.11
CA LEU A 187 -24.88 -21.84 6.45
C LEU A 187 -24.74 -22.40 7.86
N ARG A 188 -25.82 -22.30 8.64
CA ARG A 188 -25.86 -22.73 10.04
C ARG A 188 -24.76 -22.08 10.90
N ALA A 189 -24.49 -20.81 10.66
CA ALA A 189 -23.54 -20.07 11.49
C ALA A 189 -24.17 -18.82 12.10
N GLN A 190 -23.64 -18.40 13.25
CA GLN A 190 -24.10 -17.20 13.95
C GLN A 190 -23.20 -16.02 13.61
N PRO A 191 -23.79 -14.92 13.11
CA PRO A 191 -22.99 -13.79 12.64
C PRO A 191 -22.38 -12.93 13.75
N VAL A 192 -21.26 -12.29 13.44
CA VAL A 192 -20.87 -11.09 14.14
C VAL A 192 -21.24 -9.97 13.17
N GLN A 193 -22.07 -9.03 13.63
CA GLN A 193 -22.51 -7.92 12.79
C GLN A 193 -21.43 -6.87 12.72
N VAL A 194 -21.08 -6.49 11.49
CA VAL A 194 -20.01 -5.55 11.23
C VAL A 194 -20.50 -4.45 10.27
N ALA A 195 -20.37 -3.19 10.69
CA ALA A 195 -20.59 -2.08 9.78
C ALA A 195 -19.29 -1.75 9.04
N GLU A 196 -19.41 -1.32 7.79
CA GLU A 196 -18.26 -0.84 7.05
C GLU A 196 -17.54 0.28 7.82
N GLY A 197 -16.21 0.19 7.91
CA GLY A 197 -15.42 1.25 8.53
C GLY A 197 -15.04 1.03 9.99
N SER A 198 -15.71 0.08 10.64
CA SER A 198 -15.35 -0.28 12.01
C SER A 198 -15.21 -1.81 12.14
N GLU A 199 -14.52 -2.42 11.17
CA GLU A 199 -14.30 -3.86 11.15
C GLU A 199 -13.28 -4.28 12.21
N PRO A 200 -13.52 -5.42 12.90
CA PRO A 200 -12.52 -5.99 13.79
C PRO A 200 -11.32 -6.63 13.05
N ASP A 201 -10.19 -6.75 13.74
CA ASP A 201 -8.99 -7.37 13.20
C ASP A 201 -9.24 -8.77 12.65
N GLY A 202 -10.04 -9.56 13.38
CA GLY A 202 -10.35 -10.94 12.98
C GLY A 202 -10.95 -11.04 11.59
N PHE A 203 -11.76 -10.04 11.24
CA PHE A 203 -12.44 -9.92 9.95
C PHE A 203 -11.44 -9.74 8.80
N TRP A 204 -10.58 -8.73 8.89
CA TRP A 204 -9.52 -8.54 7.90
C TRP A 204 -8.59 -9.76 7.84
N GLU A 205 -8.33 -10.36 8.99
CA GLU A 205 -7.46 -11.53 9.09
C GLU A 205 -8.04 -12.73 8.34
N ALA A 206 -9.34 -12.92 8.48
CA ALA A 206 -10.05 -14.02 7.82
C ALA A 206 -10.09 -13.90 6.29
N LEU A 207 -9.92 -12.67 5.79
CA LEU A 207 -9.88 -12.42 4.34
C LEU A 207 -8.45 -12.35 3.78
N GLY A 208 -7.47 -12.78 4.58
CA GLY A 208 -6.08 -12.76 4.13
C GLY A 208 -5.38 -11.41 4.19
N GLY A 209 -5.87 -10.53 5.07
CA GLY A 209 -5.26 -9.22 5.29
C GLY A 209 -6.12 -8.10 4.77
N LYS A 210 -6.10 -6.97 5.46
CA LYS A 210 -6.82 -5.77 5.03
C LYS A 210 -6.28 -5.30 3.68
N ALA A 211 -7.16 -4.76 2.84
CA ALA A 211 -6.76 -4.17 1.56
C ALA A 211 -7.82 -3.20 1.06
N ALA A 212 -7.49 -2.44 0.03
CA ALA A 212 -8.46 -1.56 -0.62
C ALA A 212 -9.52 -2.42 -1.28
N TYR A 213 -10.73 -1.89 -1.42
CA TYR A 213 -11.81 -2.64 -2.06
C TYR A 213 -12.71 -1.75 -2.88
N ARG A 214 -13.71 -2.36 -3.50
CA ARG A 214 -14.60 -1.67 -4.42
C ARG A 214 -15.46 -0.59 -3.74
N THR A 215 -14.97 0.64 -3.78
CA THR A 215 -15.71 1.75 -3.21
C THR A 215 -15.68 3.02 -4.08
N SER A 216 -16.74 3.81 -3.95
CA SER A 216 -16.83 5.14 -4.55
C SER A 216 -17.92 5.90 -3.78
N PRO A 217 -18.01 7.22 -4.00
CA PRO A 217 -19.14 7.97 -3.41
C PRO A 217 -20.50 7.34 -3.73
N ARG A 218 -20.71 6.98 -5.00
CA ARG A 218 -21.99 6.43 -5.44
C ARG A 218 -22.24 5.03 -4.88
N LEU A 219 -21.19 4.22 -4.79
CA LEU A 219 -21.29 2.89 -4.20
C LEU A 219 -21.69 2.97 -2.74
N LYS A 220 -21.23 4.03 -2.06
CA LYS A 220 -21.48 4.26 -0.64
C LYS A 220 -22.89 4.78 -0.36
N ASP A 221 -23.50 5.40 -1.37
CA ASP A 221 -24.74 6.14 -1.22
C ASP A 221 -25.90 5.22 -0.86
N LYS A 222 -26.57 5.50 0.25
CA LYS A 222 -27.68 4.66 0.70
C LYS A 222 -28.99 4.92 -0.07
N LYS A 223 -29.26 6.19 -0.39
CA LYS A 223 -30.55 6.61 -0.96
C LYS A 223 -30.87 6.00 -2.35
N MET A 224 -29.83 5.77 -3.15
CA MET A 224 -29.95 5.34 -4.57
C MET A 224 -30.52 6.43 -5.48
N HIS A 227 -32.27 6.38 -10.16
CA HIS A 227 -31.02 6.44 -10.93
C HIS A 227 -30.02 5.24 -10.74
N PRO A 228 -30.52 3.98 -10.52
CA PRO A 228 -29.57 2.83 -10.52
C PRO A 228 -28.74 2.76 -11.80
N PRO A 229 -27.46 2.33 -11.70
CA PRO A 229 -26.51 2.39 -12.82
C PRO A 229 -26.96 1.61 -14.05
N ARG A 230 -26.45 2.05 -15.20
CA ARG A 230 -26.95 1.57 -16.48
C ARG A 230 -25.81 1.17 -17.43
N LEU A 231 -25.86 -0.06 -17.91
CA LEU A 231 -24.84 -0.60 -18.77
C LEU A 231 -25.32 -0.68 -20.22
N PHE A 232 -24.47 -0.24 -21.14
CA PHE A 232 -24.80 -0.20 -22.56
C PHE A 232 -23.75 -0.94 -23.37
N ALA A 233 -24.16 -1.70 -24.37
CA ALA A 233 -23.22 -2.29 -25.32
C ALA A 233 -23.07 -1.41 -26.57
N CYS A 234 -21.83 -1.02 -26.85
CA CYS A 234 -21.50 -0.20 -28.01
C CYS A 234 -20.72 -1.02 -29.05
N SER A 235 -21.27 -1.14 -30.25
CA SER A 235 -20.71 -2.01 -31.28
C SER A 235 -20.81 -1.41 -32.68
N ASN A 236 -19.97 -1.89 -33.58
CA ASN A 236 -20.13 -1.64 -35.02
C ASN A 236 -19.99 -2.93 -35.84
N LYS A 237 -20.34 -4.05 -35.24
CA LYS A 237 -20.22 -5.35 -35.90
C LYS A 237 -21.23 -5.51 -37.06
N ILE A 238 -22.43 -4.97 -36.86
CA ILE A 238 -23.50 -5.01 -37.87
C ILE A 238 -23.24 -4.13 -39.13
N GLY A 239 -22.23 -3.25 -39.04
CA GLY A 239 -21.87 -2.35 -40.14
C GLY A 239 -22.01 -0.87 -39.83
N ARG A 240 -22.54 -0.55 -38.66
CA ARG A 240 -22.62 0.82 -38.16
C ARG A 240 -22.68 0.81 -36.63
N PHE A 241 -22.16 1.88 -36.02
CA PHE A 241 -22.07 1.99 -34.57
C PHE A 241 -23.45 2.13 -33.90
N VAL A 242 -23.71 1.29 -32.90
CA VAL A 242 -24.98 1.33 -32.15
C VAL A 242 -24.81 1.16 -30.64
N ILE A 243 -25.71 1.75 -29.86
CA ILE A 243 -25.66 1.64 -28.40
C ILE A 243 -26.98 1.16 -27.80
N GLU A 244 -26.95 -0.04 -27.23
CA GLU A 244 -28.14 -0.64 -26.62
C GLU A 244 -27.90 -1.00 -25.16
N GLU A 245 -28.92 -0.81 -24.34
CA GLU A 245 -28.83 -1.05 -22.90
C GLU A 245 -28.86 -2.54 -22.54
N VAL A 246 -28.18 -2.90 -21.46
CA VAL A 246 -28.22 -4.25 -20.89
C VAL A 246 -29.04 -4.25 -19.60
N PRO A 247 -30.20 -4.94 -19.59
CA PRO A 247 -31.06 -4.97 -18.42
C PRO A 247 -30.66 -6.05 -17.42
N GLY A 248 -31.31 -6.06 -16.26
CA GLY A 248 -31.08 -7.09 -15.24
C GLY A 248 -29.82 -6.81 -14.44
N GLU A 249 -29.36 -7.81 -13.68
CA GLU A 249 -28.17 -7.65 -12.86
C GLU A 249 -26.90 -7.47 -13.68
N LEU A 250 -26.00 -6.61 -13.19
CA LEU A 250 -24.76 -6.35 -13.89
C LEU A 250 -23.73 -7.42 -13.59
N MET A 251 -23.52 -8.17 -14.67
CA MET A 251 -22.71 -9.38 -14.67
C MET A 251 -21.49 -9.21 -15.57
N GLN A 252 -20.39 -9.84 -15.17
CA GLN A 252 -19.15 -9.82 -15.94
C GLN A 252 -19.38 -10.35 -17.37
N GLU A 253 -20.23 -11.37 -17.53
CA GLU A 253 -20.53 -11.91 -18.85
C GLU A 253 -21.17 -10.85 -19.78
N ASP A 254 -21.79 -9.82 -19.19
CA ASP A 254 -22.44 -8.75 -19.94
C ASP A 254 -21.48 -7.83 -20.68
N LEU A 255 -20.22 -7.82 -20.26
CA LEU A 255 -19.19 -7.02 -20.92
C LEU A 255 -18.69 -7.78 -22.14
N ALA A 256 -19.07 -7.29 -23.32
CA ALA A 256 -18.69 -7.91 -24.58
C ALA A 256 -17.20 -7.69 -24.86
N THR A 257 -16.42 -8.76 -24.83
CA THR A 257 -14.97 -8.65 -24.96
C THR A 257 -14.49 -8.14 -26.31
N ASP A 258 -15.40 -8.02 -27.27
CA ASP A 258 -15.05 -7.46 -28.57
C ASP A 258 -15.84 -6.21 -28.90
N ASP A 259 -16.31 -5.51 -27.88
CA ASP A 259 -17.02 -4.24 -28.06
C ASP A 259 -16.65 -3.25 -26.95
N VAL A 260 -17.18 -2.04 -26.99
CA VAL A 260 -16.98 -1.12 -25.88
C VAL A 260 -18.27 -1.04 -25.05
N MET A 261 -18.13 -0.88 -23.74
CA MET A 261 -19.30 -0.77 -22.85
C MET A 261 -19.32 0.59 -22.17
N LEU A 262 -20.52 1.16 -22.02
CA LEU A 262 -20.73 2.35 -21.19
C LEU A 262 -21.43 1.99 -19.90
N LEU A 263 -20.83 2.40 -18.77
CA LEU A 263 -21.45 2.24 -17.46
C LEU A 263 -21.69 3.61 -16.86
N ASP A 264 -22.94 4.05 -16.89
CA ASP A 264 -23.31 5.35 -16.34
C ASP A 264 -23.72 5.24 -14.87
N THR A 265 -22.80 5.59 -13.96
CA THR A 265 -23.10 5.60 -12.53
C THR A 265 -23.63 6.97 -12.08
N TRP A 266 -24.29 7.67 -13.00
CA TRP A 266 -24.75 9.06 -12.83
C TRP A 266 -23.63 10.08 -12.65
N ASP A 267 -22.94 10.07 -11.51
CA ASP A 267 -21.89 11.08 -11.29
C ASP A 267 -20.56 10.72 -11.97
N GLN A 268 -20.62 9.81 -12.94
CA GLN A 268 -19.44 9.35 -13.66
C GLN A 268 -19.84 8.38 -14.79
N VAL A 269 -19.20 8.49 -15.95
CA VAL A 269 -19.42 7.55 -17.06
C VAL A 269 -18.15 6.73 -17.35
N PHE A 270 -18.27 5.41 -17.27
CA PHE A 270 -17.15 4.52 -17.51
C PHE A 270 -17.18 4.01 -18.94
N VAL A 271 -16.03 4.02 -19.61
CA VAL A 271 -15.93 3.48 -20.96
C VAL A 271 -15.02 2.25 -20.96
N TRP A 272 -15.66 1.07 -21.00
CA TRP A 272 -14.94 -0.20 -20.89
C TRP A 272 -14.59 -0.68 -22.27
N VAL A 273 -13.30 -0.88 -22.51
CA VAL A 273 -12.81 -1.24 -23.83
C VAL A 273 -12.46 -2.72 -23.88
N GLY A 274 -13.13 -3.45 -24.77
CA GLY A 274 -12.84 -4.87 -24.95
C GLY A 274 -11.47 -5.08 -25.55
N LYS A 275 -10.82 -6.17 -25.14
CA LYS A 275 -9.55 -6.65 -25.69
C LYS A 275 -9.59 -6.72 -27.21
N ASP A 276 -10.77 -7.08 -27.74
CA ASP A 276 -10.91 -7.32 -29.17
C ASP A 276 -11.81 -6.30 -29.82
N SER A 277 -12.02 -5.17 -29.16
CA SER A 277 -12.74 -4.06 -29.79
C SER A 277 -11.85 -3.34 -30.82
N GLN A 278 -12.47 -2.59 -31.73
CA GLN A 278 -11.73 -1.85 -32.76
C GLN A 278 -11.64 -0.38 -32.34
N GLU A 279 -10.63 0.35 -32.84
CA GLU A 279 -10.43 1.75 -32.41
C GLU A 279 -11.67 2.63 -32.59
N GLU A 280 -12.37 2.42 -33.70
CA GLU A 280 -13.56 3.22 -34.03
C GLU A 280 -14.64 3.06 -32.95
N GLU A 281 -14.80 1.85 -32.44
CA GLU A 281 -15.81 1.58 -31.41
C GLU A 281 -15.62 2.45 -30.17
N LYS A 282 -14.37 2.63 -29.75
CA LYS A 282 -14.03 3.46 -28.59
C LYS A 282 -14.20 4.94 -28.88
N THR A 283 -13.68 5.40 -30.02
CA THR A 283 -13.79 6.80 -30.43
C THR A 283 -15.26 7.23 -30.39
N GLU A 284 -16.10 6.49 -31.11
CA GLU A 284 -17.53 6.75 -31.14
C GLU A 284 -18.13 6.75 -29.74
N ALA A 285 -17.75 5.75 -28.93
CA ALA A 285 -18.28 5.62 -27.58
C ALA A 285 -17.98 6.88 -26.76
N LEU A 286 -16.77 7.40 -26.91
CA LEU A 286 -16.38 8.64 -26.24
C LEU A 286 -17.21 9.84 -26.70
N THR A 287 -17.62 9.83 -27.97
CA THR A 287 -18.50 10.86 -28.53
C THR A 287 -19.91 10.72 -27.93
N SER A 288 -20.40 9.48 -27.89
CA SER A 288 -21.75 9.21 -27.41
C SER A 288 -21.92 9.52 -25.94
N ALA A 289 -20.92 9.16 -25.14
CA ALA A 289 -20.96 9.42 -23.71
C ALA A 289 -21.03 10.93 -23.47
N LYS A 290 -20.06 11.64 -24.05
CA LYS A 290 -20.00 13.10 -24.08
C LYS A 290 -21.34 13.71 -24.46
N ARG A 291 -22.08 13.03 -25.34
CA ARG A 291 -23.38 13.50 -25.81
C ARG A 291 -24.49 13.21 -24.79
N TYR A 292 -24.49 12.00 -24.22
CA TYR A 292 -25.44 11.66 -23.14
C TYR A 292 -25.43 12.75 -22.08
N ILE A 293 -24.21 13.08 -21.62
CA ILE A 293 -24.01 14.02 -20.53
C ILE A 293 -24.44 15.44 -20.90
N GLU A 294 -23.99 15.91 -22.07
CA GLU A 294 -24.27 17.28 -22.51
C GLU A 294 -25.75 17.60 -22.71
N THR A 295 -26.60 16.56 -22.78
CA THR A 295 -28.05 16.76 -22.89
C THR A 295 -28.74 16.60 -21.53
N ASP A 296 -28.05 17.03 -20.47
CA ASP A 296 -28.61 17.26 -19.13
C ASP A 296 -27.48 17.47 -18.11
N THR A 304 -19.05 16.12 -15.18
CA THR A 304 -19.10 14.66 -15.11
C THR A 304 -17.88 14.03 -15.79
N PRO A 305 -17.08 13.27 -15.02
CA PRO A 305 -15.86 12.65 -15.57
C PRO A 305 -16.16 11.40 -16.40
N ILE A 306 -15.56 11.32 -17.57
CA ILE A 306 -15.68 10.13 -18.40
C ILE A 306 -14.40 9.31 -18.24
N THR A 307 -14.48 8.25 -17.44
CA THR A 307 -13.30 7.44 -17.14
C THR A 307 -13.20 6.26 -18.09
N VAL A 308 -12.02 6.13 -18.72
CA VAL A 308 -11.76 5.10 -19.72
C VAL A 308 -11.00 3.92 -19.11
N VAL A 309 -11.62 2.73 -19.13
CA VAL A 309 -11.06 1.53 -18.51
C VAL A 309 -10.88 0.39 -19.51
N LYS A 310 -9.80 -0.38 -19.35
CA LYS A 310 -9.48 -1.48 -20.27
C LYS A 310 -9.76 -2.84 -19.64
N GLN A 311 -10.32 -3.75 -20.43
CA GLN A 311 -10.50 -5.14 -20.03
C GLN A 311 -9.26 -5.67 -19.29
N GLY A 312 -9.45 -6.16 -18.07
CA GLY A 312 -8.38 -6.76 -17.30
C GLY A 312 -7.61 -5.76 -16.44
N PHE A 313 -8.00 -4.49 -16.53
CA PHE A 313 -7.36 -3.43 -15.77
C PHE A 313 -8.43 -2.49 -15.21
N GLU A 314 -9.56 -3.07 -14.83
CA GLU A 314 -10.68 -2.29 -14.28
C GLU A 314 -10.39 -1.85 -12.85
N PRO A 315 -10.66 -0.57 -12.55
CA PRO A 315 -10.50 -0.02 -11.21
C PRO A 315 -11.60 -0.52 -10.26
N PRO A 316 -11.29 -0.64 -8.95
CA PRO A 316 -12.33 -0.96 -7.97
C PRO A 316 -13.64 -0.18 -8.14
N SER A 317 -13.56 1.08 -8.56
CA SER A 317 -14.77 1.90 -8.67
C SER A 317 -15.75 1.43 -9.74
N PHE A 318 -15.27 0.58 -10.64
CA PHE A 318 -16.06 0.07 -11.76
C PHE A 318 -16.62 -1.30 -11.41
N VAL A 319 -15.70 -2.18 -11.01
CA VAL A 319 -15.97 -3.57 -10.70
C VAL A 319 -17.07 -3.75 -9.64
N GLY A 320 -17.05 -2.87 -8.64
CA GLY A 320 -18.02 -2.92 -7.55
C GLY A 320 -19.47 -2.95 -8.01
N TRP A 321 -19.74 -2.43 -9.19
CA TRP A 321 -21.09 -2.39 -9.71
C TRP A 321 -21.57 -3.73 -10.27
N PHE A 322 -20.66 -4.69 -10.36
CA PHE A 322 -20.97 -5.99 -10.93
C PHE A 322 -21.24 -6.99 -9.83
N LEU A 323 -22.25 -7.83 -10.01
CA LEU A 323 -22.56 -8.86 -9.04
C LEU A 323 -21.61 -10.03 -9.23
N GLY A 324 -20.56 -10.07 -8.41
CA GLY A 324 -19.63 -11.19 -8.41
C GLY A 324 -18.60 -11.22 -9.53
N TRP A 325 -17.59 -10.36 -9.44
CA TRP A 325 -16.47 -10.36 -10.37
C TRP A 325 -15.54 -11.57 -10.21
N ASP A 326 -14.73 -11.83 -11.24
CA ASP A 326 -13.72 -12.89 -11.21
C ASP A 326 -12.48 -12.45 -12.00
N ASP A 327 -11.36 -12.27 -11.29
CA ASP A 327 -10.10 -11.84 -11.89
C ASP A 327 -9.64 -12.73 -13.05
N ASP A 328 -9.87 -14.04 -12.93
CA ASP A 328 -9.42 -14.98 -13.97
C ASP A 328 -10.54 -15.38 -14.93
N TYR A 329 -11.45 -14.45 -15.23
CA TYR A 329 -12.60 -14.73 -16.08
C TYR A 329 -12.25 -14.86 -17.55
N TRP A 330 -11.19 -14.15 -17.96
CA TRP A 330 -10.79 -14.10 -19.36
C TRP A 330 -9.47 -14.81 -19.66
N ASP B 3 -12.15 15.74 9.35
CA ASP B 3 -11.16 14.64 9.50
C ASP B 3 -9.83 15.12 10.08
N ASP B 4 -9.22 14.30 10.94
CA ASP B 4 -8.04 14.73 11.72
C ASP B 4 -6.66 14.57 11.06
N GLY B 5 -6.64 14.23 9.78
CA GLY B 5 -5.38 14.18 9.02
C GLY B 5 -4.42 13.06 9.37
N THR B 6 -4.92 12.02 10.05
CA THR B 6 -4.07 10.89 10.46
C THR B 6 -4.05 9.74 9.43
N GLY B 7 -4.88 9.83 8.41
CA GLY B 7 -5.02 8.80 7.40
C GLY B 7 -3.78 8.51 6.59
N GLN B 8 -3.66 7.27 6.15
CA GLN B 8 -2.53 6.83 5.34
C GLN B 8 -2.42 7.68 4.06
N LYS B 9 -1.28 8.34 3.90
CA LYS B 9 -1.06 9.21 2.75
C LYS B 9 0.15 8.74 1.94
N GLN B 10 0.22 9.13 0.67
CA GLN B 10 1.44 8.96 -0.14
C GLN B 10 1.81 10.26 -0.84
N ILE B 11 3.11 10.52 -0.99
CA ILE B 11 3.53 11.77 -1.60
C ILE B 11 4.53 11.52 -2.72
N TRP B 12 4.18 12.04 -3.90
CA TRP B 12 5.05 12.05 -5.07
C TRP B 12 5.58 13.46 -5.31
N ARG B 13 6.58 13.57 -6.16
CA ARG B 13 7.17 14.87 -6.48
C ARG B 13 7.48 14.91 -7.98
N ILE B 14 7.06 15.98 -8.65
CA ILE B 14 7.21 16.05 -10.11
C ILE B 14 8.67 16.21 -10.51
N GLU B 15 9.21 15.19 -11.20
CA GLU B 15 10.59 15.21 -11.69
C GLU B 15 10.59 14.98 -13.20
N GLY B 16 10.58 16.07 -13.97
CA GLY B 16 10.37 16.01 -15.41
C GLY B 16 8.97 15.53 -15.78
N SER B 17 8.89 14.54 -16.66
CA SER B 17 7.61 13.95 -17.05
C SER B 17 7.15 12.90 -16.04
N ASN B 18 7.99 12.62 -15.04
CA ASN B 18 7.73 11.53 -14.11
C ASN B 18 7.38 11.95 -12.70
N LYS B 19 6.55 11.15 -12.03
CA LYS B 19 6.37 11.31 -10.59
C LYS B 19 7.20 10.27 -9.83
N VAL B 20 7.89 10.74 -8.79
CA VAL B 20 8.81 9.92 -8.03
C VAL B 20 8.39 9.97 -6.57
N PRO B 21 8.30 8.79 -5.90
CA PRO B 21 7.92 8.81 -4.48
C PRO B 21 8.92 9.61 -3.64
N VAL B 22 8.41 10.47 -2.76
CA VAL B 22 9.24 11.17 -1.80
C VAL B 22 9.54 10.21 -0.64
N ASP B 23 10.77 10.24 -0.13
CA ASP B 23 11.18 9.42 1.01
C ASP B 23 10.18 9.56 2.17
N PRO B 24 9.53 8.45 2.56
CA PRO B 24 8.53 8.48 3.65
C PRO B 24 8.98 9.19 4.91
N ALA B 25 10.28 9.19 5.18
CA ALA B 25 10.81 9.84 6.40
C ALA B 25 10.88 11.37 6.30
N THR B 26 10.71 11.91 5.11
CA THR B 26 10.73 13.37 4.94
C THR B 26 9.35 13.98 4.61
N TYR B 27 8.29 13.21 4.80
CA TYR B 27 6.92 13.70 4.57
C TYR B 27 6.69 14.90 5.49
N GLY B 28 6.32 16.03 4.90
CA GLY B 28 6.19 17.27 5.66
C GLY B 28 7.24 18.26 5.24
N GLN B 29 8.32 17.75 4.63
CA GLN B 29 9.38 18.60 4.09
C GLN B 29 9.28 18.64 2.58
N PHE B 30 9.26 19.83 2.04
CA PHE B 30 9.02 20.02 0.62
C PHE B 30 10.08 20.97 0.09
N TYR B 31 10.30 20.97 -1.22
CA TYR B 31 11.20 21.94 -1.83
C TYR B 31 10.40 23.07 -2.47
N GLY B 32 10.74 24.30 -2.10
CA GLY B 32 10.03 25.47 -2.58
C GLY B 32 10.01 25.60 -4.09
N GLY B 33 11.00 25.04 -4.76
CA GLY B 33 11.05 25.12 -6.21
C GLY B 33 10.39 23.95 -6.89
N ASP B 34 9.48 23.25 -6.19
CA ASP B 34 8.96 21.99 -6.70
C ASP B 34 7.46 21.82 -6.53
N SER B 35 6.87 21.00 -7.41
CA SER B 35 5.45 20.59 -7.34
C SER B 35 5.41 19.19 -6.76
N TYR B 36 4.29 18.86 -6.12
CA TYR B 36 4.13 17.57 -5.46
C TYR B 36 2.70 17.08 -5.63
N ILE B 37 2.50 15.77 -5.54
CA ILE B 37 1.17 15.18 -5.51
C ILE B 37 1.04 14.46 -4.19
N ILE B 38 -0.05 14.69 -3.46
CA ILE B 38 -0.31 13.97 -2.23
C ILE B 38 -1.61 13.21 -2.38
N LEU B 39 -1.54 11.89 -2.23
CA LEU B 39 -2.76 11.08 -2.09
C LEU B 39 -3.03 10.86 -0.61
N TYR B 40 -4.26 11.15 -0.18
CA TYR B 40 -4.63 10.99 1.23
C TYR B 40 -5.95 10.24 1.38
N ASN B 41 -6.04 9.42 2.44
CA ASN B 41 -7.21 8.57 2.70
C ASN B 41 -7.98 8.93 3.98
N TYR B 42 -9.23 9.38 3.80
CA TYR B 42 -10.07 9.89 4.90
C TYR B 42 -10.40 8.84 5.94
N ARG B 43 -9.92 9.07 7.16
CA ARG B 43 -9.87 8.05 8.24
C ARG B 43 -11.25 7.53 8.72
N GLN B 48 -16.83 10.00 -0.55
CA GLN B 48 -15.54 10.62 -0.94
C GLN B 48 -14.44 10.33 0.09
N GLY B 49 -13.74 9.20 -0.11
CA GLY B 49 -12.74 8.70 0.86
C GLY B 49 -11.29 8.95 0.48
N GLN B 50 -11.08 9.57 -0.68
CA GLN B 50 -9.74 9.86 -1.19
C GLN B 50 -9.60 11.31 -1.62
N ILE B 51 -8.50 11.95 -1.25
CA ILE B 51 -8.17 13.25 -1.84
C ILE B 51 -6.78 13.26 -2.46
N ILE B 52 -6.69 13.89 -3.63
CA ILE B 52 -5.41 14.25 -4.22
C ILE B 52 -5.20 15.76 -4.00
N TYR B 53 -4.09 16.10 -3.36
CA TYR B 53 -3.63 17.48 -3.30
C TYR B 53 -2.55 17.70 -4.33
N ASN B 54 -2.64 18.80 -5.05
CA ASN B 54 -1.55 19.25 -5.90
C ASN B 54 -0.91 20.46 -5.25
N TRP B 55 0.30 20.30 -4.74
CA TRP B 55 0.97 21.39 -4.04
C TRP B 55 2.03 22.00 -4.94
N GLN B 56 1.87 23.27 -5.29
CA GLN B 56 2.87 23.97 -6.08
C GLN B 56 3.78 24.87 -5.24
N GLY B 57 5.03 24.45 -5.05
CA GLY B 57 6.03 25.31 -4.44
C GLY B 57 6.16 26.65 -5.15
N ALA B 58 6.23 27.73 -4.37
CA ALA B 58 6.27 29.10 -4.90
C ALA B 58 7.25 29.33 -6.06
N GLN B 59 8.30 28.51 -6.13
CA GLN B 59 9.31 28.65 -7.18
C GLN B 59 9.31 27.56 -8.24
N SER B 60 8.34 26.65 -8.20
CA SER B 60 8.20 25.62 -9.23
C SER B 60 7.89 26.20 -10.61
N THR B 61 8.60 25.71 -11.61
CA THR B 61 8.50 26.21 -12.99
C THR B 61 7.21 25.76 -13.69
N GLN B 62 6.90 26.44 -14.80
CA GLN B 62 5.66 26.20 -15.53
C GLN B 62 5.58 24.77 -16.07
N ASP B 63 6.71 24.26 -16.56
CA ASP B 63 6.77 22.94 -17.15
C ASP B 63 6.49 21.86 -16.09
N GLU B 64 6.92 22.10 -14.85
CA GLU B 64 6.59 21.23 -13.74
C GLU B 64 5.10 21.28 -13.39
N VAL B 65 4.52 22.49 -13.38
CA VAL B 65 3.07 22.65 -13.19
C VAL B 65 2.29 21.91 -14.30
N ALA B 66 2.72 22.11 -15.55
CA ALA B 66 2.14 21.42 -16.71
C ALA B 66 2.25 19.90 -16.59
N ALA B 67 3.42 19.43 -16.14
CA ALA B 67 3.66 18.00 -15.96
C ALA B 67 2.76 17.41 -14.88
N SER B 68 2.42 18.25 -13.89
CA SER B 68 1.62 17.84 -12.75
C SER B 68 0.20 17.49 -13.16
N ALA B 69 -0.41 18.34 -13.99
CA ALA B 69 -1.76 18.13 -14.53
C ALA B 69 -1.89 16.81 -15.28
N ILE B 70 -0.92 16.52 -16.14
CA ILE B 70 -0.83 15.27 -16.88
C ILE B 70 -0.62 14.07 -15.96
N LEU B 71 0.33 14.17 -15.03
CA LEU B 71 0.60 13.10 -14.07
C LEU B 71 -0.52 12.87 -13.05
N THR B 72 -1.23 13.93 -12.68
CA THR B 72 -2.36 13.84 -11.76
C THR B 72 -3.49 13.07 -12.43
N ALA B 73 -3.78 13.40 -13.70
CA ALA B 73 -4.85 12.76 -14.48
C ALA B 73 -4.60 11.27 -14.71
N GLN B 74 -3.35 10.92 -15.01
CA GLN B 74 -2.94 9.54 -15.11
C GLN B 74 -3.27 8.80 -13.80
N LEU B 75 -2.86 9.38 -12.67
CA LEU B 75 -3.19 8.82 -11.36
C LEU B 75 -4.70 8.76 -11.12
N ASP B 76 -5.42 9.81 -11.53
CA ASP B 76 -6.87 9.87 -11.39
C ASP B 76 -7.54 8.73 -12.16
N GLU B 77 -7.01 8.41 -13.34
CA GLU B 77 -7.51 7.32 -14.18
C GLU B 77 -7.27 5.97 -13.51
N GLU B 78 -6.04 5.78 -13.05
CA GLU B 78 -5.62 4.58 -12.32
C GLU B 78 -6.46 4.34 -11.06
N LEU B 79 -6.83 5.43 -10.39
CA LEU B 79 -7.63 5.35 -9.17
C LEU B 79 -9.12 5.17 -9.46
N GLY B 80 -9.51 5.40 -10.70
CA GLY B 80 -10.87 5.18 -11.12
C GLY B 80 -11.76 6.40 -11.09
N GLY B 81 -11.14 7.59 -11.12
CA GLY B 81 -11.88 8.85 -11.19
C GLY B 81 -12.69 9.19 -9.94
N THR B 82 -12.44 8.44 -8.87
CA THR B 82 -13.15 8.61 -7.60
C THR B 82 -12.72 9.83 -6.78
N PRO B 83 -11.40 10.14 -6.76
CA PRO B 83 -10.90 11.05 -5.70
C PRO B 83 -11.22 12.53 -5.89
N VAL B 84 -11.35 13.26 -4.78
CA VAL B 84 -11.46 14.71 -4.79
C VAL B 84 -10.09 15.32 -5.18
N GLN B 85 -10.10 16.31 -6.07
CA GLN B 85 -8.85 17.00 -6.46
C GLN B 85 -8.79 18.40 -5.89
N SER B 86 -7.68 18.75 -5.26
CA SER B 86 -7.52 20.07 -4.65
C SER B 86 -6.18 20.67 -5.05
N ARG B 87 -6.24 21.76 -5.79
CA ARG B 87 -5.07 22.41 -6.37
C ARG B 87 -4.67 23.58 -5.47
N VAL B 88 -3.47 23.53 -4.90
CA VAL B 88 -3.00 24.57 -3.96
C VAL B 88 -1.57 25.08 -4.22
N VAL B 89 -1.36 26.36 -3.91
CA VAL B 89 -0.03 26.97 -3.98
C VAL B 89 0.55 27.23 -2.59
N GLN B 90 1.88 27.24 -2.51
CA GLN B 90 2.62 27.41 -1.25
C GLN B 90 2.05 28.54 -0.39
N GLY B 91 1.88 28.27 0.90
CA GLY B 91 1.37 29.28 1.81
C GLY B 91 -0.13 29.52 1.74
N LYS B 92 -0.82 28.80 0.86
CA LYS B 92 -2.28 28.92 0.75
C LYS B 92 -3.01 27.64 1.14
N GLU B 93 -2.32 26.79 1.92
CA GLU B 93 -2.82 25.45 2.26
C GLU B 93 -3.98 25.53 3.24
N PRO B 94 -5.02 24.70 3.03
CA PRO B 94 -6.11 24.63 4.01
C PRO B 94 -5.65 23.96 5.31
N ALA B 95 -6.37 24.20 6.40
CA ALA B 95 -6.05 23.56 7.67
C ALA B 95 -5.88 22.03 7.49
N HIS B 96 -6.73 21.43 6.66
CA HIS B 96 -6.65 19.98 6.46
C HIS B 96 -5.30 19.50 5.95
N LEU B 97 -4.80 20.11 4.89
CA LEU B 97 -3.48 19.80 4.38
C LEU B 97 -2.39 19.97 5.45
N MET B 98 -2.51 21.01 6.28
CA MET B 98 -1.52 21.27 7.33
C MET B 98 -1.59 20.24 8.46
N SER B 99 -2.71 19.53 8.58
CA SER B 99 -2.85 18.53 9.64
C SER B 99 -2.31 17.18 9.20
N LEU B 100 -1.96 17.08 7.93
CA LEU B 100 -1.48 15.81 7.38
C LEU B 100 -0.17 15.29 7.98
N PHE B 101 0.47 16.07 8.86
CA PHE B 101 1.84 15.74 9.32
C PHE B 101 2.00 15.59 10.83
N GLY B 102 0.92 15.21 11.52
CA GLY B 102 0.94 14.93 12.95
C GLY B 102 1.30 16.10 13.87
N GLY B 103 1.04 17.32 13.42
CA GLY B 103 1.32 18.51 14.22
C GLY B 103 2.70 19.07 13.96
N LYS B 104 3.54 18.25 13.35
CA LYS B 104 4.84 18.70 12.88
C LYS B 104 4.61 19.76 11.79
N PRO B 105 5.44 20.81 11.76
CA PRO B 105 5.27 21.90 10.82
C PRO B 105 5.66 21.51 9.38
N MET B 106 5.21 22.31 8.41
CA MET B 106 5.66 22.14 7.04
C MET B 106 6.97 22.88 6.79
N ILE B 107 7.99 22.12 6.37
CA ILE B 107 9.30 22.69 6.09
C ILE B 107 9.45 22.86 4.59
N ILE B 108 9.71 24.10 4.16
CA ILE B 108 9.87 24.41 2.74
C ILE B 108 11.30 24.84 2.46
N TYR B 109 12.03 23.99 1.74
CA TYR B 109 13.45 24.20 1.45
C TYR B 109 13.69 25.12 0.24
N LYS B 110 14.80 25.85 0.28
CA LYS B 110 15.34 26.54 -0.89
C LYS B 110 15.82 25.56 -1.97
N GLY B 111 15.42 25.79 -3.22
CA GLY B 111 15.86 24.95 -4.34
C GLY B 111 14.95 23.79 -4.66
N GLY B 112 15.53 22.67 -5.07
CA GLY B 112 14.76 21.54 -5.56
C GLY B 112 15.33 20.95 -6.84
N THR B 113 14.48 20.33 -7.64
CA THR B 113 14.94 19.68 -8.87
C THR B 113 14.41 20.38 -10.12
N SER B 114 15.18 20.28 -11.20
CA SER B 114 14.76 20.79 -12.50
C SER B 114 15.17 19.78 -13.55
N ARG B 115 14.49 19.79 -14.68
CA ARG B 115 14.80 18.89 -15.79
C ARG B 115 16.26 19.08 -16.20
N GLU B 116 16.67 20.34 -16.35
CA GLU B 116 18.00 20.72 -16.84
C GLU B 116 19.09 20.47 -15.80
N GLY B 117 18.79 20.73 -14.52
CA GLY B 117 19.81 20.83 -13.49
C GLY B 117 19.87 19.77 -12.40
N GLY B 118 18.87 18.91 -12.32
CA GLY B 118 18.79 17.91 -11.26
C GLY B 118 18.53 18.50 -9.88
N GLN B 119 18.73 17.68 -8.85
CA GLN B 119 18.50 18.04 -7.45
C GLN B 119 19.58 19.01 -6.92
N THR B 120 19.16 20.12 -6.34
CA THR B 120 20.11 21.12 -5.78
C THR B 120 20.77 20.62 -4.48
N ALA B 121 21.83 21.30 -4.05
CA ALA B 121 22.57 20.91 -2.84
C ALA B 121 22.38 21.94 -1.73
N PRO B 122 22.03 21.50 -0.50
CA PRO B 122 21.74 22.45 0.58
C PRO B 122 22.93 23.35 0.83
N ALA B 123 22.68 24.62 1.16
CA ALA B 123 23.76 25.51 1.57
C ALA B 123 24.25 25.12 2.96
N SER B 124 25.49 25.49 3.27
CA SER B 124 26.13 25.07 4.52
C SER B 124 25.75 25.97 5.72
N THR B 125 25.40 27.22 5.44
CA THR B 125 24.72 28.06 6.42
C THR B 125 23.30 28.33 5.92
N ARG B 126 22.31 28.03 6.76
CA ARG B 126 20.90 28.09 6.36
C ARG B 126 20.07 28.82 7.39
N LEU B 127 19.13 29.63 6.92
CA LEU B 127 18.21 30.36 7.79
C LEU B 127 16.78 29.98 7.43
N PHE B 128 15.93 29.77 8.44
CA PHE B 128 14.51 29.52 8.20
C PHE B 128 13.63 30.48 8.98
N GLN B 129 12.60 31.01 8.34
CA GLN B 129 11.59 31.84 9.02
C GLN B 129 10.47 30.91 9.46
N VAL B 130 10.11 31.00 10.74
CA VAL B 130 9.09 30.09 11.27
C VAL B 130 7.89 30.90 11.76
N ARG B 131 6.84 30.88 10.96
CA ARG B 131 5.65 31.67 11.21
C ARG B 131 4.40 30.78 11.34
N ALA B 132 3.55 31.09 12.31
CA ALA B 132 2.27 30.39 12.48
C ALA B 132 1.12 31.31 12.13
N ASN B 133 0.04 30.76 11.59
CA ASN B 133 -1.18 31.54 11.47
C ASN B 133 -1.98 31.49 12.78
N SER B 134 -3.20 32.02 12.78
CA SER B 134 -4.01 32.07 14.01
C SER B 134 -4.41 30.67 14.45
N ALA B 135 -4.66 29.79 13.48
CA ALA B 135 -5.12 28.43 13.73
C ALA B 135 -4.05 27.56 14.39
N GLY B 136 -2.80 28.03 14.35
CA GLY B 136 -1.68 27.26 14.88
C GLY B 136 -0.82 26.59 13.82
N ALA B 137 -1.31 26.54 12.58
CA ALA B 137 -0.57 25.94 11.47
C ALA B 137 0.77 26.67 11.31
N THR B 138 1.85 25.89 11.12
CA THR B 138 3.19 26.43 11.18
C THR B 138 4.02 26.07 9.95
N ARG B 139 4.69 27.08 9.41
CA ARG B 139 5.53 26.89 8.23
C ARG B 139 6.96 27.32 8.54
N ALA B 140 7.92 26.46 8.22
CA ALA B 140 9.32 26.82 8.32
C ALA B 140 9.89 26.98 6.92
N VAL B 141 10.10 28.25 6.52
CA VAL B 141 10.44 28.57 5.14
C VAL B 141 11.90 29.00 5.02
N GLU B 142 12.66 28.32 4.15
CA GLU B 142 14.09 28.63 4.02
C GLU B 142 14.36 29.94 3.28
N VAL B 143 15.12 30.83 3.91
CA VAL B 143 15.49 32.09 3.29
C VAL B 143 17.01 32.25 3.26
N LEU B 144 17.47 33.29 2.54
CA LEU B 144 18.87 33.69 2.54
C LEU B 144 19.40 34.02 3.94
N PRO B 145 20.48 33.35 4.37
CA PRO B 145 21.02 33.60 5.71
C PRO B 145 21.72 34.96 5.86
N LYS B 146 20.94 36.05 5.88
CA LYS B 146 21.46 37.40 6.06
C LYS B 146 20.70 38.07 7.20
N ALA B 147 21.37 38.98 7.90
CA ALA B 147 20.79 39.67 9.05
C ALA B 147 19.45 40.30 8.75
N GLY B 148 19.36 41.02 7.62
CA GLY B 148 18.17 41.77 7.26
C GLY B 148 16.94 40.90 7.03
N ALA B 149 17.15 39.60 6.84
CA ALA B 149 16.05 38.63 6.61
C ALA B 149 15.21 38.31 7.87
N LEU B 150 15.73 38.66 9.04
CA LEU B 150 15.05 38.42 10.30
C LEU B 150 13.86 39.36 10.47
N ASN B 151 12.89 38.94 11.28
CA ASN B 151 11.78 39.80 11.68
C ASN B 151 11.29 39.43 13.07
N SER B 152 10.85 40.45 13.81
CA SER B 152 10.60 40.32 15.25
C SER B 152 9.34 39.52 15.61
N ASN B 153 8.44 39.35 14.63
CA ASN B 153 7.19 38.63 14.85
C ASN B 153 7.37 37.13 14.92
N ASP B 154 8.48 36.62 14.39
CA ASP B 154 8.63 35.18 14.22
C ASP B 154 9.83 34.57 14.96
N ALA B 155 9.97 33.25 14.80
CA ALA B 155 11.12 32.51 15.29
C ALA B 155 11.94 32.10 14.07
N PHE B 156 13.26 32.09 14.21
CA PHE B 156 14.15 31.71 13.12
C PHE B 156 15.09 30.58 13.53
N VAL B 157 15.46 29.73 12.57
CA VAL B 157 16.48 28.72 12.81
C VAL B 157 17.72 29.00 11.97
N LEU B 158 18.88 29.13 12.63
CA LEU B 158 20.15 29.34 11.97
C LEU B 158 21.02 28.09 12.10
N LYS B 159 21.34 27.45 10.99
CA LYS B 159 22.19 26.28 11.03
C LYS B 159 23.50 26.55 10.31
N THR B 160 24.62 26.35 11.00
CA THR B 160 25.94 26.41 10.38
C THR B 160 26.55 25.01 10.39
N PRO B 161 27.72 24.83 9.74
CA PRO B 161 28.36 23.52 9.83
C PRO B 161 28.84 23.18 11.26
N SER B 162 29.05 24.21 12.08
CA SER B 162 29.57 24.02 13.43
C SER B 162 28.58 24.31 14.57
N ALA B 163 27.48 24.99 14.27
CA ALA B 163 26.57 25.49 15.31
C ALA B 163 25.12 25.57 14.84
N ALA B 164 24.21 25.86 15.77
CA ALA B 164 22.78 25.97 15.48
C ALA B 164 22.10 26.96 16.43
N TYR B 165 21.31 27.88 15.87
CA TYR B 165 20.63 28.87 16.71
C TYR B 165 19.11 28.86 16.58
N LEU B 166 18.43 28.99 17.72
CA LEU B 166 17.00 29.25 17.73
C LEU B 166 16.78 30.68 18.21
N TRP B 167 16.35 31.53 17.29
CA TRP B 167 16.18 32.95 17.57
C TRP B 167 14.68 33.25 17.72
N VAL B 168 14.31 33.69 18.91
CA VAL B 168 12.92 33.93 19.25
C VAL B 168 12.62 35.43 19.22
N GLY B 169 11.98 35.88 18.14
CA GLY B 169 11.56 37.28 18.04
C GLY B 169 10.66 37.66 19.19
N THR B 170 10.60 38.96 19.49
CA THR B 170 9.82 39.44 20.64
C THR B 170 8.31 39.20 20.48
N GLY B 171 7.86 39.07 19.23
CA GLY B 171 6.45 38.82 18.94
C GLY B 171 6.12 37.38 18.66
N ALA B 172 7.15 36.53 18.53
CA ALA B 172 7.00 35.10 18.20
C ALA B 172 6.06 34.33 19.13
N SER B 173 5.21 33.50 18.55
CA SER B 173 4.26 32.70 19.32
C SER B 173 4.87 31.36 19.70
N GLU B 174 4.22 30.64 20.61
CA GLU B 174 4.69 29.33 21.07
C GLU B 174 4.70 28.27 19.96
N ALA B 175 3.69 28.31 19.11
CA ALA B 175 3.62 27.42 17.95
C ALA B 175 4.86 27.64 17.08
N GLU B 176 5.28 28.90 16.96
CA GLU B 176 6.45 29.28 16.17
C GLU B 176 7.74 28.75 16.78
N LYS B 177 7.84 28.82 18.11
CA LYS B 177 9.00 28.27 18.82
C LYS B 177 9.03 26.75 18.75
N THR B 178 7.86 26.14 18.85
CA THR B 178 7.72 24.69 18.79
C THR B 178 8.08 24.21 17.39
N GLY B 179 7.66 24.96 16.37
CA GLY B 179 7.94 24.60 15.00
C GLY B 179 9.42 24.76 14.70
N ALA B 180 10.05 25.72 15.35
CA ALA B 180 11.47 25.91 15.17
C ALA B 180 12.21 24.75 15.82
N GLN B 181 11.76 24.35 17.02
CA GLN B 181 12.31 23.16 17.70
C GLN B 181 12.25 21.93 16.79
N GLU B 182 11.13 21.77 16.10
CA GLU B 182 10.94 20.62 15.23
C GLU B 182 11.88 20.61 14.04
N LEU B 183 12.12 21.79 13.47
CA LEU B 183 13.02 21.91 12.32
C LEU B 183 14.41 21.44 12.70
N LEU B 184 14.87 21.86 13.88
CA LEU B 184 16.19 21.52 14.39
C LEU B 184 16.37 20.01 14.54
N ARG B 185 15.32 19.33 15.01
CA ARG B 185 15.29 17.88 15.09
C ARG B 185 15.49 17.28 13.70
N VAL B 186 14.65 17.69 12.73
CA VAL B 186 14.80 17.31 11.30
C VAL B 186 16.20 17.61 10.77
N LEU B 187 16.76 18.77 11.15
CA LEU B 187 18.14 19.16 10.82
C LEU B 187 19.21 18.46 11.64
N ARG B 188 18.80 17.65 12.62
CA ARG B 188 19.73 16.94 13.51
C ARG B 188 20.74 17.87 14.19
N ALA B 189 20.25 18.99 14.73
CA ALA B 189 21.11 19.92 15.47
C ALA B 189 20.47 20.32 16.80
N GLN B 190 21.29 20.57 17.81
CA GLN B 190 20.75 21.03 19.09
C GLN B 190 21.04 22.54 19.23
N PRO B 191 19.98 23.34 19.42
CA PRO B 191 20.11 24.80 19.29
C PRO B 191 20.72 25.51 20.49
N VAL B 192 21.45 26.59 20.21
CA VAL B 192 21.71 27.59 21.23
C VAL B 192 20.48 28.45 21.16
N GLN B 193 19.79 28.59 22.28
CA GLN B 193 18.57 29.38 22.32
C GLN B 193 18.92 30.84 22.43
N VAL B 194 18.27 31.65 21.62
CA VAL B 194 18.59 33.07 21.55
C VAL B 194 17.31 33.89 21.61
N ALA B 195 17.27 34.84 22.54
CA ALA B 195 16.20 35.83 22.59
C ALA B 195 16.64 37.08 21.82
N GLU B 196 15.76 37.56 20.95
CA GLU B 196 15.98 38.82 20.25
C GLU B 196 16.41 39.89 21.24
N GLY B 197 17.44 40.64 20.90
CA GLY B 197 17.92 41.72 21.74
C GLY B 197 19.20 41.38 22.49
N SER B 198 19.40 40.10 22.75
CA SER B 198 20.54 39.66 23.54
C SER B 198 21.22 38.48 22.88
N GLU B 199 21.47 38.63 21.59
CA GLU B 199 22.06 37.56 20.77
C GLU B 199 23.58 37.49 20.93
N PRO B 200 24.13 36.26 20.98
CA PRO B 200 25.58 36.11 21.05
C PRO B 200 26.30 36.47 19.75
N ASP B 201 27.63 36.62 19.88
CA ASP B 201 28.56 36.90 18.78
C ASP B 201 28.43 36.08 17.51
N GLY B 202 28.55 34.76 17.67
CA GLY B 202 28.58 33.82 16.55
C GLY B 202 27.30 33.80 15.74
N PHE B 203 26.20 34.27 16.35
CA PHE B 203 24.94 34.44 15.66
C PHE B 203 25.12 35.45 14.54
N TRP B 204 25.53 36.66 14.88
CA TRP B 204 25.67 37.69 13.88
C TRP B 204 26.71 37.31 12.84
N GLU B 205 27.89 36.90 13.29
CA GLU B 205 28.94 36.50 12.37
C GLU B 205 28.42 35.49 11.32
N ALA B 206 27.68 34.48 11.77
CA ALA B 206 27.16 33.43 10.90
C ALA B 206 26.22 33.96 9.81
N LEU B 207 25.71 35.17 10.00
CA LEU B 207 24.78 35.80 9.07
C LEU B 207 25.47 36.83 8.17
N GLY B 208 26.80 36.87 8.21
CA GLY B 208 27.57 37.87 7.46
C GLY B 208 27.67 39.20 8.21
N GLY B 209 27.34 39.18 9.49
CA GLY B 209 27.42 40.36 10.32
C GLY B 209 26.07 40.94 10.61
N LYS B 210 25.96 41.66 11.72
CA LYS B 210 24.73 42.32 12.13
C LYS B 210 24.31 43.37 11.10
N ALA B 211 23.02 43.69 11.11
CA ALA B 211 22.44 44.70 10.22
C ALA B 211 21.07 45.09 10.77
N ALA B 212 20.45 46.10 10.17
CA ALA B 212 19.07 46.44 10.49
C ALA B 212 18.21 45.36 9.84
N TYR B 213 17.12 44.99 10.50
CA TYR B 213 16.22 44.00 9.94
C TYR B 213 14.76 44.43 10.04
N ARG B 214 13.85 43.49 9.82
CA ARG B 214 12.43 43.79 9.74
C ARG B 214 11.75 43.86 11.11
N THR B 215 11.66 45.06 11.67
CA THR B 215 11.06 45.23 12.99
C THR B 215 10.21 46.49 13.11
N SER B 216 9.28 46.47 14.06
CA SER B 216 8.46 47.62 14.42
C SER B 216 7.80 47.33 15.77
N PRO B 217 7.25 48.36 16.45
CA PRO B 217 6.41 48.08 17.60
C PRO B 217 5.32 47.03 17.32
N ARG B 218 4.64 47.15 16.20
CA ARG B 218 3.56 46.22 15.83
C ARG B 218 4.07 44.81 15.50
N LEU B 219 5.29 44.73 14.96
CA LEU B 219 5.93 43.44 14.72
C LEU B 219 6.45 42.80 16.01
N LYS B 220 6.64 43.60 17.06
CA LYS B 220 7.13 43.09 18.34
C LYS B 220 5.99 42.62 19.24
N ASP B 221 4.77 42.92 18.81
CA ASP B 221 3.57 42.79 19.63
C ASP B 221 3.09 41.35 19.80
N LYS B 222 3.07 40.90 21.06
CA LYS B 222 2.62 39.53 21.39
C LYS B 222 1.09 39.34 21.40
N LYS B 223 0.34 40.37 21.78
CA LYS B 223 -1.12 40.35 21.65
C LYS B 223 -1.57 40.54 20.18
N MET B 224 -1.55 39.45 19.42
CA MET B 224 -2.02 39.48 18.04
C MET B 224 -2.80 38.21 17.70
N ASP B 225 -3.80 37.97 18.55
CA ASP B 225 -4.86 37.01 18.27
C ASP B 225 -5.98 37.72 17.46
N ALA B 226 -6.41 38.88 17.98
CA ALA B 226 -7.54 39.65 17.46
C ALA B 226 -7.45 40.08 15.98
N HIS B 227 -6.56 41.04 15.69
CA HIS B 227 -6.43 41.59 14.32
C HIS B 227 -5.09 41.21 13.65
N PRO B 228 -5.04 40.07 12.93
CA PRO B 228 -3.85 39.84 12.07
C PRO B 228 -3.90 40.79 10.88
N PRO B 229 -2.74 41.10 10.27
CA PRO B 229 -2.78 42.12 9.21
C PRO B 229 -3.46 41.58 7.97
N ARG B 230 -4.19 42.45 7.29
CA ARG B 230 -4.94 42.03 6.13
C ARG B 230 -4.42 42.75 4.90
N LEU B 231 -4.27 41.98 3.82
CA LEU B 231 -3.75 42.50 2.58
C LEU B 231 -4.81 42.44 1.50
N PHE B 232 -5.11 43.60 0.92
CA PHE B 232 -6.14 43.70 -0.09
C PHE B 232 -5.57 44.03 -1.47
N ALA B 233 -6.22 43.48 -2.50
CA ALA B 233 -5.84 43.77 -3.88
C ALA B 233 -6.79 44.80 -4.48
N CYS B 234 -6.23 45.86 -5.07
CA CYS B 234 -7.04 46.87 -5.76
C CYS B 234 -6.71 46.89 -7.26
N SER B 235 -7.72 46.68 -8.09
CA SER B 235 -7.53 46.59 -9.53
C SER B 235 -8.75 47.07 -10.29
N ASN B 236 -8.51 47.75 -11.41
CA ASN B 236 -9.59 48.09 -12.32
C ASN B 236 -9.51 47.35 -13.67
N LYS B 237 -8.87 46.17 -13.65
CA LYS B 237 -8.63 45.38 -14.84
C LYS B 237 -9.90 45.10 -15.67
N ILE B 238 -11.04 45.02 -15.00
CA ILE B 238 -12.30 44.66 -15.66
C ILE B 238 -13.14 45.86 -16.08
N GLY B 239 -12.60 47.06 -15.91
CA GLY B 239 -13.32 48.28 -16.29
C GLY B 239 -13.82 49.06 -15.09
N ARG B 240 -13.96 48.40 -13.96
CA ARG B 240 -14.31 49.08 -12.70
C ARG B 240 -13.39 48.64 -11.56
N PHE B 241 -13.34 49.46 -10.51
CA PHE B 241 -12.46 49.24 -9.36
C PHE B 241 -12.96 48.12 -8.43
N VAL B 242 -12.10 47.12 -8.20
CA VAL B 242 -12.48 45.93 -7.43
C VAL B 242 -11.50 45.59 -6.30
N ILE B 243 -11.99 45.48 -5.07
CA ILE B 243 -11.15 45.09 -3.92
C ILE B 243 -11.40 43.64 -3.52
N GLU B 244 -10.33 42.86 -3.40
CA GLU B 244 -10.37 41.49 -2.90
C GLU B 244 -9.36 41.32 -1.80
N GLU B 245 -9.73 40.60 -0.75
CA GLU B 245 -8.75 40.24 0.27
C GLU B 245 -7.88 39.09 -0.24
N VAL B 246 -6.62 39.10 0.17
CA VAL B 246 -5.72 37.99 -0.10
C VAL B 246 -5.87 36.95 1.01
N PRO B 247 -6.10 35.68 0.63
CA PRO B 247 -6.21 34.62 1.61
C PRO B 247 -4.85 34.06 1.99
N GLY B 248 -4.83 33.16 2.97
CA GLY B 248 -3.62 32.44 3.35
C GLY B 248 -2.57 33.35 3.91
N GLU B 249 -1.32 32.90 3.85
CA GLU B 249 -0.19 33.64 4.39
C GLU B 249 0.24 34.71 3.39
N LEU B 250 0.69 35.83 3.91
CA LEU B 250 1.08 36.96 3.06
C LEU B 250 2.43 36.68 2.40
N MET B 251 2.44 36.76 1.08
CA MET B 251 3.63 36.45 0.30
C MET B 251 3.97 37.48 -0.76
N GLN B 252 5.26 37.58 -1.07
CA GLN B 252 5.77 38.54 -2.03
C GLN B 252 5.06 38.39 -3.38
N GLU B 253 4.74 37.16 -3.74
CA GLU B 253 3.99 36.87 -4.96
C GLU B 253 2.56 37.49 -4.94
N ASP B 254 1.96 37.64 -3.75
CA ASP B 254 0.63 38.22 -3.61
C ASP B 254 0.56 39.70 -4.03
N LEU B 255 1.70 40.37 -4.00
CA LEU B 255 1.74 41.78 -4.39
C LEU B 255 1.77 41.88 -5.90
N ALA B 256 0.58 42.07 -6.47
CA ALA B 256 0.40 42.08 -7.92
C ALA B 256 1.00 43.34 -8.56
N THR B 257 2.04 43.14 -9.37
CA THR B 257 2.79 44.26 -9.95
C THR B 257 1.98 45.13 -10.91
N ASP B 258 0.83 44.60 -11.34
CA ASP B 258 -0.11 45.30 -12.21
C ASP B 258 -1.03 46.23 -11.46
N ASP B 259 -1.07 46.11 -10.14
CA ASP B 259 -2.12 46.69 -9.35
C ASP B 259 -1.59 47.39 -8.11
N VAL B 260 -2.49 47.80 -7.24
CA VAL B 260 -2.14 48.48 -6.01
C VAL B 260 -2.68 47.70 -4.83
N MET B 261 -1.82 47.43 -3.84
CA MET B 261 -2.20 46.63 -2.69
C MET B 261 -2.40 47.45 -1.41
N LEU B 262 -3.31 46.98 -0.55
CA LEU B 262 -3.49 47.57 0.78
C LEU B 262 -3.04 46.60 1.86
N LEU B 263 -2.03 46.98 2.63
CA LEU B 263 -1.65 46.20 3.80
C LEU B 263 -2.02 46.97 5.04
N ASP B 264 -3.02 46.47 5.74
CA ASP B 264 -3.55 47.10 6.93
C ASP B 264 -2.99 46.40 8.17
N THR B 265 -1.99 47.02 8.80
CA THR B 265 -1.41 46.46 10.02
C THR B 265 -2.10 47.05 11.24
N TRP B 266 -3.37 47.44 11.06
CA TRP B 266 -4.18 48.14 12.06
C TRP B 266 -3.60 49.45 12.60
N ASP B 267 -2.36 49.39 13.07
CA ASP B 267 -1.71 50.58 13.59
C ASP B 267 -1.29 51.54 12.47
N GLN B 268 -1.24 51.03 11.24
CA GLN B 268 -1.12 51.86 10.02
C GLN B 268 -1.57 51.11 8.74
N VAL B 269 -1.81 51.86 7.68
CA VAL B 269 -2.20 51.28 6.39
C VAL B 269 -1.15 51.61 5.35
N PHE B 270 -0.55 50.58 4.75
CA PHE B 270 0.35 50.76 3.61
C PHE B 270 -0.42 50.65 2.30
N VAL B 271 -0.19 51.60 1.40
CA VAL B 271 -0.65 51.52 0.02
C VAL B 271 0.52 51.17 -0.87
N TRP B 272 0.62 49.89 -1.24
CA TRP B 272 1.72 49.39 -2.06
C TRP B 272 1.42 49.60 -3.53
N VAL B 273 2.23 50.43 -4.19
CA VAL B 273 2.01 50.79 -5.58
C VAL B 273 2.85 49.93 -6.52
N GLY B 274 2.20 48.97 -7.16
CA GLY B 274 2.83 48.17 -8.21
C GLY B 274 3.40 49.02 -9.34
N LYS B 275 4.53 48.59 -9.89
CA LYS B 275 5.25 49.34 -10.92
C LYS B 275 4.46 49.48 -12.24
N ASP B 276 3.64 48.48 -12.56
CA ASP B 276 2.83 48.49 -13.80
C ASP B 276 1.38 48.91 -13.56
N SER B 277 1.15 49.56 -12.42
CA SER B 277 -0.18 49.96 -12.02
C SER B 277 -0.59 51.31 -12.62
N GLN B 278 -1.90 51.53 -12.69
CA GLN B 278 -2.45 52.75 -13.26
C GLN B 278 -2.64 53.82 -12.19
N GLU B 279 -2.45 55.08 -12.57
CA GLU B 279 -2.59 56.21 -11.64
C GLU B 279 -3.94 56.20 -10.91
N GLU B 280 -5.00 55.86 -11.65
CA GLU B 280 -6.35 55.77 -11.10
C GLU B 280 -6.42 54.74 -9.98
N GLU B 281 -5.70 53.63 -10.17
CA GLU B 281 -5.64 52.55 -9.18
C GLU B 281 -5.01 53.01 -7.86
N LYS B 282 -3.96 53.84 -7.94
CA LYS B 282 -3.37 54.46 -6.74
C LYS B 282 -4.37 55.39 -6.03
N THR B 283 -5.13 56.17 -6.80
CA THR B 283 -6.06 57.15 -6.25
C THR B 283 -7.23 56.49 -5.54
N GLU B 284 -7.85 55.52 -6.22
CA GLU B 284 -8.99 54.79 -5.69
C GLU B 284 -8.60 53.94 -4.49
N ALA B 285 -7.38 53.41 -4.53
CA ALA B 285 -6.80 52.65 -3.41
C ALA B 285 -6.56 53.52 -2.18
N LEU B 286 -6.17 54.78 -2.41
CA LEU B 286 -6.03 55.76 -1.32
C LEU B 286 -7.39 56.09 -0.72
N THR B 287 -8.38 56.26 -1.60
CA THR B 287 -9.77 56.50 -1.23
C THR B 287 -10.30 55.32 -0.42
N SER B 288 -9.87 54.12 -0.78
CA SER B 288 -10.29 52.92 -0.09
C SER B 288 -9.64 52.80 1.29
N ALA B 289 -8.36 53.16 1.36
CA ALA B 289 -7.62 53.19 2.63
C ALA B 289 -8.22 54.25 3.55
N LYS B 290 -8.76 55.30 2.93
CA LYS B 290 -9.46 56.35 3.66
C LYS B 290 -10.79 55.82 4.20
N ARG B 291 -11.47 55.03 3.38
CA ARG B 291 -12.74 54.44 3.78
C ARG B 291 -12.58 53.37 4.86
N TYR B 292 -11.58 52.51 4.72
CA TYR B 292 -11.35 51.46 5.71
C TYR B 292 -11.14 52.01 7.10
N ILE B 293 -10.39 53.11 7.18
CA ILE B 293 -10.03 53.69 8.47
C ILE B 293 -11.21 54.41 9.13
N GLU B 294 -12.09 54.97 8.30
CA GLU B 294 -13.19 55.81 8.78
C GLU B 294 -14.53 55.07 8.96
N THR B 295 -14.64 53.86 8.41
CA THR B 295 -15.87 53.04 8.52
C THR B 295 -16.46 53.06 9.93
N ASP B 296 -15.66 52.63 10.90
CA ASP B 296 -16.04 52.71 12.30
C ASP B 296 -15.02 53.55 13.07
N PRO B 297 -15.28 54.88 13.20
CA PRO B 297 -14.31 55.83 13.76
C PRO B 297 -14.30 55.80 15.29
N ALA B 298 -15.33 55.20 15.87
CA ALA B 298 -15.40 54.98 17.31
C ALA B 298 -14.48 53.84 17.72
N ASN B 299 -14.04 53.06 16.72
CA ASN B 299 -13.28 51.84 16.96
C ASN B 299 -11.91 51.77 16.29
N ARG B 300 -11.48 52.89 15.69
CA ARG B 300 -10.06 53.10 15.38
C ARG B 300 -9.65 54.57 15.23
N ASP B 301 -8.51 54.88 15.85
CA ASP B 301 -7.87 56.20 15.88
C ASP B 301 -8.02 56.97 14.55
N ARG B 302 -8.55 58.19 14.64
CA ARG B 302 -8.75 59.05 13.48
C ARG B 302 -7.42 59.53 12.85
N ARG B 303 -6.34 59.46 13.61
CA ARG B 303 -5.01 59.87 13.15
C ARG B 303 -4.19 58.73 12.55
N THR B 304 -4.80 57.57 12.34
CA THR B 304 -4.15 56.42 11.69
C THR B 304 -3.49 56.88 10.38
N PRO B 305 -2.19 56.66 10.24
CA PRO B 305 -1.51 57.15 9.03
C PRO B 305 -1.67 56.24 7.81
N ILE B 306 -1.48 56.81 6.63
CA ILE B 306 -1.45 56.07 5.39
C ILE B 306 -0.08 56.31 4.74
N THR B 307 0.67 55.23 4.51
CA THR B 307 2.01 55.35 3.94
C THR B 307 2.04 54.75 2.54
N VAL B 308 2.39 55.57 1.55
CA VAL B 308 2.57 55.06 0.19
C VAL B 308 3.96 54.43 0.04
N VAL B 309 3.98 53.26 -0.59
CA VAL B 309 5.18 52.46 -0.70
C VAL B 309 5.24 51.89 -2.11
N LYS B 310 6.34 52.12 -2.81
CA LYS B 310 6.46 51.73 -4.22
C LYS B 310 7.20 50.41 -4.40
N GLN B 311 6.79 49.64 -5.41
CA GLN B 311 7.38 48.33 -5.67
C GLN B 311 8.91 48.44 -5.72
N GLY B 312 9.59 47.68 -4.88
CA GLY B 312 11.05 47.65 -4.89
C GLY B 312 11.71 48.57 -3.89
N PHE B 313 10.94 49.53 -3.37
CA PHE B 313 11.43 50.42 -2.32
C PHE B 313 10.58 50.29 -1.06
N GLU B 314 10.39 49.07 -0.60
CA GLU B 314 9.57 48.87 0.59
C GLU B 314 10.38 48.75 1.90
N PRO B 315 9.95 49.47 2.96
CA PRO B 315 10.74 49.52 4.20
C PRO B 315 10.64 48.20 4.96
N PRO B 316 11.65 47.89 5.79
CA PRO B 316 11.63 46.61 6.52
C PRO B 316 10.31 46.35 7.25
N SER B 317 9.73 47.37 7.88
CA SER B 317 8.51 47.16 8.68
C SER B 317 7.29 46.79 7.84
N PHE B 318 7.40 47.02 6.53
CA PHE B 318 6.39 46.55 5.60
C PHE B 318 6.68 45.10 5.32
N VAL B 319 7.93 44.84 4.92
CA VAL B 319 8.39 43.54 4.48
C VAL B 319 8.21 42.47 5.57
N GLY B 320 8.33 42.89 6.83
CA GLY B 320 8.25 41.98 7.97
C GLY B 320 6.98 41.13 8.02
N TRP B 321 5.92 41.60 7.37
CA TRP B 321 4.63 40.94 7.46
C TRP B 321 4.46 39.80 6.45
N PHE B 322 5.55 39.47 5.76
CA PHE B 322 5.55 38.53 4.65
C PHE B 322 6.40 37.30 4.94
N LEU B 323 5.94 36.16 4.45
CA LEU B 323 6.58 34.88 4.72
C LEU B 323 7.64 34.59 3.68
N GLY B 324 8.89 34.88 4.02
CA GLY B 324 9.98 34.78 3.06
C GLY B 324 9.95 35.96 2.13
N TRP B 325 11.09 36.60 1.95
CA TRP B 325 11.19 37.70 1.03
C TRP B 325 12.53 37.65 0.36
N ASP B 326 12.48 37.57 -0.96
CA ASP B 326 13.67 37.55 -1.80
C ASP B 326 13.77 38.91 -2.49
N ASP B 327 14.82 39.66 -2.21
CA ASP B 327 14.99 41.01 -2.78
C ASP B 327 15.00 41.05 -4.31
N ASP B 328 15.72 40.11 -4.92
CA ASP B 328 15.99 40.09 -6.36
C ASP B 328 14.90 39.34 -7.17
N TYR B 329 13.70 39.28 -6.59
CA TYR B 329 12.52 38.60 -7.14
C TYR B 329 12.02 39.30 -8.41
N TRP B 330 12.24 40.61 -8.47
CA TRP B 330 11.78 41.43 -9.59
C TRP B 330 12.93 41.77 -10.54
N ASP C 3 31.56 -23.76 27.61
CA ASP C 3 30.37 -23.27 28.38
C ASP C 3 29.04 -23.73 27.76
N ASP C 4 28.06 -24.04 28.62
CA ASP C 4 26.81 -24.66 28.17
C ASP C 4 25.73 -23.68 27.67
N GLY C 5 26.05 -22.39 27.63
CA GLY C 5 25.13 -21.39 27.10
C GLY C 5 23.88 -21.15 27.93
N THR C 6 23.90 -21.63 29.17
CA THR C 6 22.71 -21.57 30.03
C THR C 6 22.73 -20.39 31.02
N GLY C 7 23.78 -19.58 30.95
CA GLY C 7 23.93 -18.43 31.84
C GLY C 7 22.92 -17.31 31.65
N GLN C 8 22.94 -16.36 32.58
CA GLN C 8 22.08 -15.19 32.55
C GLN C 8 22.38 -14.35 31.29
N LYS C 9 21.33 -13.85 30.63
CA LYS C 9 21.51 -13.08 29.39
C LYS C 9 20.47 -11.98 29.15
N GLN C 10 20.88 -10.89 28.52
CA GLN C 10 19.94 -9.85 28.06
C GLN C 10 20.06 -9.67 26.56
N ILE C 11 18.92 -9.58 25.88
CA ILE C 11 18.91 -9.28 24.45
C ILE C 11 18.24 -7.93 24.21
N TRP C 12 18.93 -7.07 23.47
CA TRP C 12 18.35 -5.81 23.01
C TRP C 12 18.27 -5.80 21.49
N ARG C 13 17.35 -5.00 20.97
CA ARG C 13 17.16 -4.83 19.55
C ARG C 13 17.41 -3.38 19.24
N ILE C 14 18.21 -3.12 18.21
CA ILE C 14 18.47 -1.77 17.73
C ILE C 14 17.18 -1.16 17.15
N GLU C 15 16.76 -0.04 17.72
CA GLU C 15 15.61 0.73 17.22
C GLU C 15 15.98 2.21 17.15
N GLY C 16 16.24 2.68 15.94
CA GLY C 16 16.74 4.05 15.77
C GLY C 16 18.18 4.06 16.22
N SER C 17 18.50 4.94 17.16
CA SER C 17 19.87 5.03 17.72
C SER C 17 19.96 4.45 19.12
N ASN C 18 18.89 3.81 19.57
CA ASN C 18 18.82 3.22 20.89
C ASN C 18 18.75 1.72 20.80
N LYS C 19 19.01 1.05 21.93
CA LYS C 19 18.77 -0.38 22.03
C LYS C 19 17.59 -0.60 22.94
N VAL C 20 16.56 -1.24 22.43
CA VAL C 20 15.36 -1.50 23.21
C VAL C 20 15.43 -2.94 23.70
N PRO C 21 15.06 -3.17 24.99
CA PRO C 21 15.01 -4.55 25.47
C PRO C 21 14.03 -5.36 24.63
N VAL C 22 14.32 -6.65 24.51
CA VAL C 22 13.44 -7.61 23.85
C VAL C 22 12.70 -8.38 24.96
N ASP C 23 11.40 -8.56 24.75
CA ASP C 23 10.54 -9.34 25.63
C ASP C 23 11.19 -10.68 25.94
N PRO C 24 11.58 -10.91 27.21
CA PRO C 24 12.32 -12.11 27.59
C PRO C 24 11.62 -13.40 27.18
N ALA C 25 10.30 -13.32 26.97
CA ALA C 25 9.52 -14.48 26.53
C ALA C 25 9.85 -14.86 25.08
N THR C 26 10.21 -13.86 24.27
CA THR C 26 10.50 -14.07 22.85
C THR C 26 12.01 -14.24 22.55
N TYR C 27 12.78 -14.58 23.59
CA TYR C 27 14.21 -14.88 23.44
C TYR C 27 14.40 -16.12 22.56
N GLY C 28 14.98 -15.93 21.38
CA GLY C 28 15.12 -17.03 20.45
C GLY C 28 14.51 -16.69 19.12
N GLN C 29 13.44 -15.88 19.14
CA GLN C 29 12.91 -15.37 17.87
C GLN C 29 13.40 -13.96 17.58
N PHE C 30 13.85 -13.74 16.33
CA PHE C 30 14.49 -12.52 15.90
C PHE C 30 13.95 -12.09 14.53
N TYR C 31 13.94 -10.79 14.26
CA TYR C 31 13.57 -10.28 12.93
C TYR C 31 14.78 -10.16 12.02
N GLY C 32 14.63 -10.63 10.80
CA GLY C 32 15.73 -10.66 9.84
C GLY C 32 16.16 -9.28 9.36
N GLY C 33 15.26 -8.32 9.44
CA GLY C 33 15.56 -6.97 8.96
C GLY C 33 16.06 -6.05 10.05
N ASP C 34 16.45 -6.64 11.17
CA ASP C 34 16.88 -5.86 12.33
C ASP C 34 18.25 -6.30 12.82
N SER C 35 18.85 -5.48 13.68
CA SER C 35 20.10 -5.83 14.36
C SER C 35 19.86 -5.99 15.85
N TYR C 36 20.74 -6.72 16.53
CA TYR C 36 20.51 -7.11 17.90
C TYR C 36 21.82 -7.19 18.65
N ILE C 37 21.78 -6.86 19.94
CA ILE C 37 22.90 -7.05 20.84
C ILE C 37 22.51 -8.06 21.91
N ILE C 38 23.38 -9.02 22.17
CA ILE C 38 23.17 -9.99 23.26
C ILE C 38 24.27 -9.90 24.31
N LEU C 39 23.89 -9.69 25.55
CA LEU C 39 24.84 -9.75 26.65
C LEU C 39 24.68 -11.05 27.41
N TYR C 40 25.77 -11.80 27.51
CA TYR C 40 25.75 -13.12 28.12
C TYR C 40 26.83 -13.27 29.21
N ASN C 41 26.41 -13.73 30.40
CA ASN C 41 27.33 -14.02 31.52
C ASN C 41 27.64 -15.51 31.64
N TYR C 42 28.93 -15.84 31.68
CA TYR C 42 29.36 -17.23 31.82
C TYR C 42 30.34 -17.40 32.96
N GLY C 49 33.56 -13.49 33.44
CA GLY C 49 33.59 -13.21 32.00
C GLY C 49 32.22 -12.92 31.37
N GLN C 50 32.25 -12.12 30.31
CA GLN C 50 31.05 -11.78 29.55
C GLN C 50 31.35 -11.74 28.05
N ILE C 51 30.28 -11.84 27.26
CA ILE C 51 30.41 -11.76 25.82
C ILE C 51 29.27 -10.93 25.26
N ILE C 52 29.63 -9.98 24.40
CA ILE C 52 28.65 -9.20 23.65
C ILE C 52 28.62 -9.73 22.22
N TYR C 53 27.49 -10.31 21.85
CA TYR C 53 27.26 -10.71 20.49
C TYR C 53 26.54 -9.59 19.75
N ASN C 54 27.11 -9.18 18.62
CA ASN C 54 26.36 -8.40 17.64
C ASN C 54 25.77 -9.31 16.59
N TRP C 55 24.43 -9.44 16.61
CA TRP C 55 23.75 -10.26 15.63
C TRP C 55 23.09 -9.34 14.63
N GLN C 56 23.41 -9.57 13.35
CA GLN C 56 22.99 -8.69 12.26
C GLN C 56 22.17 -9.50 11.25
N GLY C 57 20.89 -9.17 11.16
CA GLY C 57 19.98 -9.81 10.20
C GLY C 57 20.40 -9.52 8.77
N ALA C 58 20.01 -10.41 7.86
CA ALA C 58 20.44 -10.28 6.46
C ALA C 58 19.71 -9.16 5.73
N GLN C 59 18.65 -8.64 6.34
CA GLN C 59 17.87 -7.56 5.76
C GLN C 59 18.11 -6.24 6.49
N SER C 60 19.03 -6.28 7.46
CA SER C 60 19.28 -5.13 8.31
C SER C 60 19.99 -4.02 7.54
N THR C 61 19.39 -2.83 7.60
CA THR C 61 19.88 -1.65 6.89
C THR C 61 21.21 -1.16 7.48
N GLN C 62 21.99 -0.49 6.65
CA GLN C 62 23.31 0.02 7.05
C GLN C 62 23.30 0.94 8.28
N ASP C 63 22.25 1.75 8.43
CA ASP C 63 22.17 2.67 9.57
C ASP C 63 21.83 1.96 10.87
N GLU C 64 21.05 0.88 10.79
CA GLU C 64 20.85 -0.03 11.92
C GLU C 64 22.17 -0.68 12.37
N VAL C 65 23.06 -0.95 11.42
CA VAL C 65 24.38 -1.49 11.71
C VAL C 65 25.28 -0.45 12.35
N ALA C 66 25.26 0.76 11.80
CA ALA C 66 26.12 1.83 12.31
C ALA C 66 25.72 2.24 13.71
N ALA C 67 24.42 2.20 14.00
CA ALA C 67 23.89 2.48 15.33
C ALA C 67 24.32 1.41 16.33
N SER C 68 24.32 0.16 15.85
CA SER C 68 24.73 -1.00 16.65
C SER C 68 26.20 -0.94 17.08
N ALA C 69 27.06 -0.47 16.19
CA ALA C 69 28.47 -0.31 16.51
C ALA C 69 28.68 0.72 17.61
N ILE C 70 27.76 1.70 17.68
CA ILE C 70 27.80 2.72 18.72
C ILE C 70 27.31 2.16 20.05
N LEU C 71 26.17 1.47 20.00
CA LEU C 71 25.57 0.92 21.20
C LEU C 71 26.41 -0.19 21.84
N THR C 72 27.19 -0.88 21.02
CA THR C 72 28.12 -1.92 21.48
C THR C 72 29.32 -1.27 22.13
N ALA C 73 29.85 -0.23 21.50
CA ALA C 73 30.95 0.54 22.08
C ALA C 73 30.47 1.15 23.40
N GLN C 74 29.24 1.67 23.41
CA GLN C 74 28.71 2.21 24.65
C GLN C 74 28.73 1.16 25.74
N LEU C 75 28.21 -0.03 25.44
CA LEU C 75 28.09 -1.10 26.42
C LEU C 75 29.44 -1.64 26.88
N ASP C 76 30.34 -1.87 25.93
CA ASP C 76 31.68 -2.36 26.25
C ASP C 76 32.32 -1.48 27.31
N GLU C 77 32.27 -0.17 27.05
CA GLU C 77 32.85 0.86 27.91
C GLU C 77 32.17 0.87 29.29
N GLU C 78 30.85 0.71 29.29
CA GLU C 78 30.04 0.72 30.51
C GLU C 78 30.42 -0.40 31.46
N LEU C 79 30.84 -1.53 30.89
CA LEU C 79 31.17 -2.73 31.65
C LEU C 79 32.68 -2.85 31.88
N GLY C 80 33.42 -1.80 31.55
CA GLY C 80 34.86 -1.74 31.84
C GLY C 80 35.79 -2.33 30.80
N GLY C 81 35.34 -2.38 29.55
CA GLY C 81 36.17 -2.87 28.43
C GLY C 81 36.57 -4.33 28.55
N THR C 82 36.06 -4.98 29.59
CA THR C 82 36.37 -6.38 29.89
C THR C 82 35.66 -7.46 29.04
N PRO C 83 34.43 -7.20 28.54
CA PRO C 83 33.71 -8.27 27.82
C PRO C 83 34.30 -8.61 26.47
N VAL C 84 34.23 -9.88 26.11
CA VAL C 84 34.64 -10.36 24.79
C VAL C 84 33.56 -9.99 23.77
N GLN C 85 33.98 -9.45 22.63
CA GLN C 85 33.04 -9.01 21.60
C GLN C 85 33.10 -9.95 20.43
N SER C 86 31.96 -10.18 19.78
CA SER C 86 31.87 -11.12 18.67
C SER C 86 30.78 -10.69 17.68
N ARG C 87 31.19 -10.09 16.57
CA ARG C 87 30.26 -9.68 15.53
C ARG C 87 29.84 -10.89 14.68
N VAL C 88 28.56 -10.98 14.36
CA VAL C 88 28.01 -12.16 13.69
C VAL C 88 26.88 -11.75 12.74
N VAL C 89 26.90 -12.27 11.52
CA VAL C 89 25.76 -12.15 10.60
C VAL C 89 24.81 -13.35 10.68
N GLN C 90 23.53 -13.13 10.38
CA GLN C 90 22.54 -14.21 10.32
C GLN C 90 23.06 -15.42 9.54
N GLY C 91 22.94 -16.60 10.14
CA GLY C 91 23.36 -17.83 9.50
C GLY C 91 24.79 -18.24 9.79
N LYS C 92 25.56 -17.33 10.40
CA LYS C 92 26.98 -17.60 10.70
C LYS C 92 27.25 -17.66 12.21
N GLU C 93 26.18 -17.92 12.98
CA GLU C 93 26.27 -17.97 14.43
C GLU C 93 27.11 -19.15 14.87
N PRO C 94 28.11 -18.90 15.74
CA PRO C 94 28.82 -20.00 16.40
C PRO C 94 27.89 -20.89 17.23
N ALA C 95 28.33 -22.14 17.43
CA ALA C 95 27.60 -23.11 18.25
C ALA C 95 27.24 -22.58 19.64
N HIS C 96 28.10 -21.73 20.19
CA HIS C 96 27.83 -21.19 21.50
C HIS C 96 26.53 -20.41 21.51
N LEU C 97 26.46 -19.41 20.62
CA LEU C 97 25.30 -18.52 20.53
C LEU C 97 24.00 -19.32 20.38
N MET C 98 24.04 -20.38 19.58
CA MET C 98 22.88 -21.24 19.36
C MET C 98 22.45 -22.01 20.63
N SER C 99 23.42 -22.40 21.44
CA SER C 99 23.13 -23.10 22.69
C SER C 99 22.47 -22.20 23.76
N LEU C 100 22.29 -20.92 23.44
CA LEU C 100 21.79 -19.94 24.40
C LEU C 100 20.29 -19.96 24.68
N PHE C 101 19.54 -20.83 24.00
CA PHE C 101 18.06 -20.79 24.10
C PHE C 101 17.45 -22.12 24.56
N GLY C 102 18.13 -22.76 25.51
CA GLY C 102 17.66 -23.99 26.12
C GLY C 102 17.34 -25.09 25.12
N GLY C 103 18.00 -25.07 23.97
CA GLY C 103 17.77 -26.10 22.95
C GLY C 103 16.67 -25.80 21.94
N LYS C 104 15.94 -24.69 22.16
CA LYS C 104 14.94 -24.19 21.20
C LYS C 104 15.65 -23.63 19.97
N PRO C 105 15.00 -23.66 18.79
CA PRO C 105 15.70 -23.19 17.59
C PRO C 105 15.68 -21.67 17.48
N MET C 106 16.56 -21.12 16.66
CA MET C 106 16.52 -19.68 16.33
C MET C 106 15.44 -19.46 15.26
N ILE C 107 14.47 -18.60 15.56
CA ILE C 107 13.43 -18.30 14.58
C ILE C 107 13.71 -16.92 14.01
N ILE C 108 13.83 -16.85 12.69
CA ILE C 108 14.06 -15.59 12.00
C ILE C 108 12.80 -15.20 11.24
N TYR C 109 12.18 -14.07 11.61
CA TYR C 109 11.00 -13.56 10.91
C TYR C 109 11.39 -12.69 9.70
N LYS C 110 10.48 -12.62 8.72
CA LYS C 110 10.59 -11.62 7.66
C LYS C 110 10.28 -10.24 8.23
N GLY C 111 10.89 -9.22 7.64
CA GLY C 111 10.64 -7.83 8.03
C GLY C 111 11.36 -7.41 9.30
N GLY C 112 10.67 -6.62 10.12
CA GLY C 112 11.28 -6.04 11.32
C GLY C 112 10.81 -4.63 11.59
N THR C 113 11.72 -3.78 12.02
CA THR C 113 11.37 -2.44 12.43
C THR C 113 12.26 -1.40 11.79
N SER C 114 11.79 -0.15 11.78
CA SER C 114 12.60 1.02 11.39
C SER C 114 11.99 2.29 11.98
N ARG C 115 12.78 3.37 12.02
CA ARG C 115 12.28 4.69 12.43
C ARG C 115 11.03 5.03 11.62
N GLU C 116 11.23 5.17 10.31
CA GLU C 116 10.18 5.55 9.38
C GLU C 116 9.27 4.38 9.04
N GLY C 117 8.39 4.01 9.97
CA GLY C 117 7.49 2.89 9.72
C GLY C 117 7.23 2.05 10.94
N GLY C 118 8.30 1.63 11.61
CA GLY C 118 8.19 0.84 12.84
C GLY C 118 7.94 -0.64 12.60
N GLN C 119 7.31 -1.28 13.59
CA GLN C 119 7.10 -2.72 13.59
C GLN C 119 6.20 -3.18 12.43
N THR C 120 6.81 -3.87 11.47
CA THR C 120 6.09 -4.49 10.37
C THR C 120 5.22 -5.64 10.89
N ALA C 121 3.98 -5.72 10.42
CA ALA C 121 3.07 -6.81 10.80
C ALA C 121 3.44 -8.14 10.11
N PRO C 122 3.10 -9.29 10.75
CA PRO C 122 3.31 -10.57 10.06
C PRO C 122 2.31 -10.78 8.93
N ALA C 123 2.71 -11.56 7.93
CA ALA C 123 1.81 -11.88 6.81
C ALA C 123 0.73 -12.82 7.32
N SER C 124 -0.32 -13.00 6.53
CA SER C 124 -1.43 -13.87 6.92
C SER C 124 -1.17 -15.32 6.54
N THR C 125 -0.44 -15.51 5.43
CA THR C 125 0.10 -16.83 5.08
C THR C 125 1.62 -16.78 5.11
N ARG C 126 2.21 -17.58 6.00
CA ARG C 126 3.66 -17.64 6.12
C ARG C 126 4.26 -19.05 6.09
N LEU C 127 5.44 -19.14 5.48
CA LEU C 127 6.20 -20.38 5.36
C LEU C 127 7.57 -20.24 6.06
N PHE C 128 8.02 -21.33 6.68
CA PHE C 128 9.31 -21.37 7.37
C PHE C 128 10.14 -22.59 6.99
N GLN C 129 11.36 -22.36 6.50
CA GLN C 129 12.34 -23.44 6.30
C GLN C 129 13.08 -23.74 7.60
N VAL C 130 13.02 -24.99 8.05
CA VAL C 130 13.66 -25.40 9.31
C VAL C 130 14.86 -26.32 9.03
N ARG C 131 16.05 -25.77 9.16
CA ARG C 131 17.28 -26.49 8.86
C ARG C 131 18.19 -26.57 10.08
N ALA C 132 18.73 -27.77 10.33
CA ALA C 132 19.73 -27.99 11.37
C ALA C 132 21.05 -28.40 10.76
N ASN C 133 22.16 -27.93 11.34
CA ASN C 133 23.50 -28.32 10.89
C ASN C 133 23.91 -29.65 11.52
N SER C 134 25.12 -30.12 11.21
CA SER C 134 25.64 -31.39 11.74
C SER C 134 25.45 -31.53 13.25
N ALA C 135 25.79 -30.47 13.98
CA ALA C 135 25.73 -30.47 15.44
C ALA C 135 24.30 -30.40 16.00
N GLY C 136 23.30 -30.24 15.13
CA GLY C 136 21.91 -30.24 15.58
C GLY C 136 21.39 -28.90 16.06
N ALA C 137 22.16 -27.84 15.85
CA ALA C 137 21.68 -26.48 16.02
C ALA C 137 20.70 -26.18 14.88
N THR C 138 19.47 -25.81 15.23
CA THR C 138 18.39 -25.72 14.26
C THR C 138 17.93 -24.28 14.05
N ARG C 139 17.55 -23.97 12.82
CA ARG C 139 17.04 -22.65 12.49
C ARG C 139 15.68 -22.76 11.80
N ALA C 140 14.78 -21.84 12.13
CA ALA C 140 13.54 -21.68 11.39
C ALA C 140 13.58 -20.32 10.67
N VAL C 141 13.82 -20.35 9.38
CA VAL C 141 13.98 -19.12 8.61
C VAL C 141 12.72 -18.88 7.78
N GLU C 142 12.01 -17.78 8.05
CA GLU C 142 10.80 -17.43 7.29
C GLU C 142 11.12 -17.14 5.82
N VAL C 143 10.36 -17.78 4.93
CA VAL C 143 10.52 -17.58 3.49
C VAL C 143 9.18 -17.26 2.81
N LEU C 144 9.23 -16.90 1.54
CA LEU C 144 8.03 -16.69 0.74
C LEU C 144 7.14 -17.93 0.74
N PRO C 145 5.82 -17.74 0.98
CA PRO C 145 4.87 -18.86 0.96
C PRO C 145 4.48 -19.26 -0.47
N LYS C 146 5.43 -19.91 -1.15
CA LYS C 146 5.26 -20.42 -2.51
C LYS C 146 5.77 -21.85 -2.58
N ALA C 147 5.06 -22.70 -3.33
CA ALA C 147 5.46 -24.10 -3.55
C ALA C 147 6.95 -24.30 -3.89
N GLY C 148 7.49 -23.42 -4.73
CA GLY C 148 8.86 -23.52 -5.22
C GLY C 148 9.95 -23.31 -4.20
N ALA C 149 9.58 -22.77 -3.04
CA ALA C 149 10.55 -22.53 -1.97
C ALA C 149 10.76 -23.75 -1.06
N LEU C 150 9.99 -24.81 -1.30
CA LEU C 150 10.13 -26.07 -0.55
C LEU C 150 11.42 -26.84 -0.87
N ASN C 151 11.83 -27.69 0.05
CA ASN C 151 13.13 -28.34 0.00
C ASN C 151 13.07 -29.70 0.68
N SER C 152 13.51 -30.74 -0.03
CA SER C 152 13.40 -32.11 0.48
C SER C 152 14.31 -32.48 1.67
N ASN C 153 15.36 -31.70 1.90
CA ASN C 153 16.31 -31.99 2.98
C ASN C 153 15.88 -31.38 4.30
N ASP C 154 14.84 -30.56 4.27
CA ASP C 154 14.41 -29.84 5.46
C ASP C 154 12.93 -30.02 5.78
N ALA C 155 12.57 -29.68 7.01
CA ALA C 155 11.18 -29.62 7.46
C ALA C 155 10.65 -28.20 7.24
N PHE C 156 9.40 -28.08 6.83
CA PHE C 156 8.80 -26.77 6.61
C PHE C 156 7.55 -26.56 7.44
N VAL C 157 7.34 -25.35 7.93
CA VAL C 157 6.10 -24.96 8.60
C VAL C 157 5.35 -23.91 7.78
N LEU C 158 4.10 -24.21 7.45
CA LEU C 158 3.20 -23.31 6.72
C LEU C 158 2.00 -22.97 7.60
N LYS C 159 1.77 -21.67 7.79
CA LYS C 159 0.65 -21.19 8.61
C LYS C 159 -0.33 -20.38 7.78
N THR C 160 -1.62 -20.70 7.95
CA THR C 160 -2.72 -20.00 7.30
C THR C 160 -3.52 -19.32 8.43
N PRO C 161 -4.43 -18.38 8.10
CA PRO C 161 -5.33 -17.89 9.15
C PRO C 161 -6.11 -19.01 9.83
N SER C 162 -6.52 -20.02 9.05
CA SER C 162 -7.29 -21.15 9.57
C SER C 162 -6.46 -22.41 9.81
N ALA C 163 -5.67 -22.83 8.82
CA ALA C 163 -4.92 -24.08 8.93
C ALA C 163 -3.45 -23.88 9.30
N ALA C 164 -2.76 -24.99 9.54
CA ALA C 164 -1.32 -25.04 9.76
C ALA C 164 -0.81 -26.44 9.39
N TYR C 165 0.36 -26.50 8.78
CA TYR C 165 0.90 -27.76 8.28
C TYR C 165 2.35 -27.87 8.70
N LEU C 166 2.75 -29.06 9.14
CA LEU C 166 4.17 -29.36 9.37
C LEU C 166 4.61 -30.33 8.29
N TRP C 167 5.15 -29.77 7.20
CA TRP C 167 5.66 -30.55 6.07
C TRP C 167 7.01 -31.16 6.41
N VAL C 168 7.22 -32.42 6.01
CA VAL C 168 8.45 -33.16 6.35
C VAL C 168 9.15 -33.69 5.11
N GLY C 169 10.24 -33.03 4.71
CA GLY C 169 11.06 -33.52 3.62
C GLY C 169 11.58 -34.91 3.90
N THR C 170 11.70 -35.73 2.85
CA THR C 170 12.20 -37.10 2.96
C THR C 170 13.58 -37.14 3.62
N GLY C 171 14.39 -36.13 3.34
CA GLY C 171 15.72 -35.97 3.92
C GLY C 171 15.77 -35.07 5.14
N ALA C 172 14.61 -34.70 5.68
CA ALA C 172 14.56 -33.90 6.91
C ALA C 172 15.05 -34.68 8.13
N SER C 173 15.84 -34.03 8.98
CA SER C 173 16.35 -34.66 10.18
C SER C 173 15.32 -34.64 11.32
N GLU C 174 15.66 -35.28 12.44
CA GLU C 174 14.82 -35.28 13.63
C GLU C 174 14.89 -33.94 14.33
N ALA C 175 16.09 -33.36 14.35
CA ALA C 175 16.30 -32.04 14.93
C ALA C 175 15.40 -31.00 14.26
N GLU C 176 15.18 -31.20 12.95
CA GLU C 176 14.37 -30.31 12.15
C GLU C 176 12.87 -30.48 12.38
N LYS C 177 12.45 -31.70 12.74
CA LYS C 177 11.05 -31.96 13.08
C LYS C 177 10.70 -31.37 14.44
N THR C 178 11.56 -31.62 15.43
CA THR C 178 11.46 -31.03 16.77
C THR C 178 11.46 -29.51 16.71
N GLY C 179 12.40 -28.95 15.94
CA GLY C 179 12.52 -27.51 15.76
C GLY C 179 11.27 -26.92 15.18
N ALA C 180 10.69 -27.60 14.20
CA ALA C 180 9.46 -27.18 13.57
C ALA C 180 8.27 -27.14 14.54
N GLN C 181 8.19 -28.14 15.43
CA GLN C 181 7.13 -28.17 16.46
C GLN C 181 7.26 -27.00 17.41
N GLU C 182 8.48 -26.70 17.81
CA GLU C 182 8.74 -25.56 18.66
C GLU C 182 8.25 -24.28 18.00
N LEU C 183 8.47 -24.17 16.68
CA LEU C 183 8.05 -23.01 15.92
C LEU C 183 6.53 -22.91 15.85
N LEU C 184 5.86 -24.06 15.72
CA LEU C 184 4.41 -24.09 15.76
C LEU C 184 3.88 -23.75 17.15
N ARG C 185 4.62 -24.13 18.19
CA ARG C 185 4.26 -23.76 19.55
C ARG C 185 4.24 -22.23 19.71
N VAL C 186 5.32 -21.58 19.33
CA VAL C 186 5.44 -20.11 19.37
C VAL C 186 4.33 -19.44 18.54
N LEU C 187 4.01 -20.02 17.40
CA LEU C 187 2.99 -19.49 16.50
C LEU C 187 1.59 -19.78 16.99
N ARG C 188 1.46 -20.33 18.20
CA ARG C 188 0.16 -20.60 18.80
C ARG C 188 -0.75 -21.43 17.88
N ALA C 189 -0.17 -22.42 17.20
CA ALA C 189 -0.88 -23.21 16.20
C ALA C 189 -0.65 -24.72 16.31
N GLN C 190 -1.72 -25.48 16.08
CA GLN C 190 -1.70 -26.94 16.07
C GLN C 190 -1.65 -27.39 14.61
N PRO C 191 -0.68 -28.28 14.28
CA PRO C 191 -0.48 -28.62 12.87
C PRO C 191 -1.21 -29.89 12.42
N VAL C 192 -1.23 -30.10 11.10
CA VAL C 192 -1.45 -31.44 10.58
C VAL C 192 -0.12 -31.94 9.98
N GLN C 193 0.33 -33.10 10.44
CA GLN C 193 1.53 -33.74 9.91
C GLN C 193 1.40 -33.95 8.41
N VAL C 194 2.47 -33.69 7.67
CA VAL C 194 2.48 -33.98 6.24
C VAL C 194 3.81 -34.62 5.82
N ALA C 195 3.73 -35.79 5.18
CA ALA C 195 4.91 -36.41 4.59
C ALA C 195 5.03 -36.02 3.13
N GLU C 196 6.21 -35.57 2.74
CA GLU C 196 6.49 -35.21 1.35
C GLU C 196 6.00 -36.34 0.44
N GLY C 197 5.31 -35.99 -0.63
CA GLY C 197 4.83 -36.99 -1.57
C GLY C 197 3.34 -37.25 -1.44
N SER C 198 2.83 -37.17 -0.21
CA SER C 198 1.42 -37.43 0.06
C SER C 198 0.75 -36.26 0.78
N GLU C 199 0.84 -35.07 0.17
CA GLU C 199 0.32 -33.86 0.79
C GLU C 199 -1.12 -33.55 0.37
N PRO C 200 -1.97 -33.13 1.34
CA PRO C 200 -3.38 -32.76 1.12
C PRO C 200 -3.56 -31.66 0.09
N ASP C 201 -4.76 -31.58 -0.50
CA ASP C 201 -5.06 -30.55 -1.50
C ASP C 201 -5.04 -29.14 -0.88
N GLY C 202 -5.42 -29.06 0.40
CA GLY C 202 -5.38 -27.79 1.16
C GLY C 202 -3.98 -27.20 1.24
N PHE C 203 -2.98 -28.07 1.39
CA PHE C 203 -1.57 -27.69 1.45
C PHE C 203 -1.12 -26.98 0.16
N TRP C 204 -1.30 -27.62 -1.00
CA TRP C 204 -0.89 -27.01 -2.27
C TRP C 204 -1.61 -25.71 -2.58
N GLU C 205 -2.83 -25.59 -2.06
CA GLU C 205 -3.67 -24.42 -2.31
C GLU C 205 -3.21 -23.19 -1.54
N ALA C 206 -2.86 -23.37 -0.26
CA ALA C 206 -2.34 -22.29 0.58
C ALA C 206 -1.04 -21.68 0.04
N LEU C 207 -0.32 -22.45 -0.78
CA LEU C 207 0.92 -21.98 -1.40
C LEU C 207 0.72 -21.42 -2.81
N GLY C 208 -0.54 -21.20 -3.18
CA GLY C 208 -0.88 -20.62 -4.49
C GLY C 208 -0.65 -21.54 -5.67
N GLY C 209 -0.80 -22.85 -5.42
CA GLY C 209 -0.62 -23.84 -6.47
C GLY C 209 0.60 -24.72 -6.26
N LYS C 210 0.49 -25.97 -6.65
CA LYS C 210 1.61 -26.92 -6.66
C LYS C 210 2.57 -26.55 -7.79
N ALA C 211 3.85 -26.56 -7.51
CA ALA C 211 4.86 -26.38 -8.55
C ALA C 211 6.09 -27.23 -8.26
N ALA C 212 7.04 -27.21 -9.19
CA ALA C 212 8.35 -27.81 -8.96
C ALA C 212 9.08 -27.07 -7.86
N TYR C 213 9.81 -27.81 -7.04
CA TYR C 213 10.65 -27.20 -6.01
C TYR C 213 12.07 -27.78 -6.00
N ARG C 214 12.78 -27.54 -4.92
CA ARG C 214 14.19 -27.92 -4.82
C ARG C 214 14.35 -29.31 -4.23
N THR C 215 14.71 -30.24 -5.10
CA THR C 215 14.82 -31.64 -4.73
C THR C 215 15.84 -32.37 -5.62
N SER C 216 16.39 -33.46 -5.09
CA SER C 216 17.28 -34.36 -5.82
C SER C 216 17.36 -35.64 -5.01
N PRO C 217 17.91 -36.71 -5.59
CA PRO C 217 18.19 -37.87 -4.74
C PRO C 217 19.10 -37.53 -3.54
N ARG C 218 20.03 -36.61 -3.74
CA ARG C 218 20.98 -36.21 -2.69
C ARG C 218 20.33 -35.41 -1.55
N LEU C 219 19.37 -34.56 -1.90
CA LEU C 219 18.63 -33.77 -0.91
C LEU C 219 17.56 -34.61 -0.20
N LYS C 220 17.02 -35.60 -0.90
CA LYS C 220 16.05 -36.55 -0.34
C LYS C 220 16.73 -37.58 0.57
N ASP C 221 18.04 -37.72 0.43
CA ASP C 221 18.81 -38.70 1.18
C ASP C 221 18.77 -38.44 2.68
N LYS C 222 17.97 -39.25 3.37
CA LYS C 222 17.82 -39.20 4.83
C LYS C 222 19.11 -39.58 5.52
N LYS C 223 19.86 -40.49 4.90
CA LYS C 223 21.09 -41.07 5.44
C LYS C 223 21.99 -39.99 6.06
N MET C 224 22.48 -40.28 7.26
CA MET C 224 23.47 -39.44 7.93
C MET C 224 24.71 -39.34 7.05
N ASP C 225 25.03 -38.12 6.62
CA ASP C 225 26.23 -37.92 5.80
C ASP C 225 27.35 -37.29 6.63
N ALA C 226 28.41 -38.07 6.82
CA ALA C 226 29.62 -37.61 7.50
C ALA C 226 30.31 -36.53 6.67
N HIS C 227 29.89 -36.41 5.42
CA HIS C 227 30.31 -35.33 4.53
C HIS C 227 29.14 -34.41 4.16
N PRO C 228 28.85 -33.40 5.00
CA PRO C 228 27.82 -32.41 4.64
C PRO C 228 28.42 -31.37 3.69
N PRO C 229 27.58 -30.72 2.86
CA PRO C 229 28.09 -29.92 1.75
C PRO C 229 28.93 -28.75 2.22
N ARG C 230 30.08 -28.56 1.57
CA ARG C 230 30.97 -27.44 1.88
C ARG C 230 30.98 -26.48 0.68
N LEU C 231 31.34 -25.24 0.94
CA LEU C 231 31.29 -24.21 -0.08
C LEU C 231 32.55 -23.36 -0.08
N PHE C 232 33.23 -23.33 -1.21
CA PHE C 232 34.52 -22.70 -1.32
C PHE C 232 34.47 -21.49 -2.24
N ALA C 233 35.14 -20.41 -1.83
CA ALA C 233 35.23 -19.17 -2.59
C ALA C 233 36.59 -19.07 -3.25
N CYS C 234 36.59 -18.99 -4.58
CA CYS C 234 37.84 -18.93 -5.33
C CYS C 234 38.04 -17.57 -6.00
N SER C 235 39.26 -17.02 -5.88
CA SER C 235 39.56 -15.69 -6.41
C SER C 235 41.05 -15.50 -6.69
N ASN C 236 41.36 -14.90 -7.83
CA ASN C 236 42.72 -14.47 -8.14
C ASN C 236 42.90 -12.97 -7.96
N LYS C 237 42.07 -12.39 -7.09
CA LYS C 237 42.04 -10.95 -6.88
C LYS C 237 43.41 -10.39 -6.51
N ILE C 238 44.10 -11.07 -5.59
CA ILE C 238 45.40 -10.61 -5.08
C ILE C 238 46.55 -10.86 -6.06
N GLY C 239 46.21 -11.24 -7.29
CA GLY C 239 47.20 -11.50 -8.34
C GLY C 239 47.52 -12.97 -8.45
N ARG C 240 46.75 -13.79 -7.74
CA ARG C 240 47.01 -15.22 -7.61
C ARG C 240 45.78 -15.97 -7.07
N PHE C 241 45.62 -17.24 -7.44
CA PHE C 241 44.46 -18.05 -7.03
C PHE C 241 44.46 -18.41 -5.55
N VAL C 242 43.32 -18.20 -4.90
CA VAL C 242 43.17 -18.41 -3.47
C VAL C 242 41.81 -19.02 -3.16
N ILE C 243 41.79 -20.06 -2.34
CA ILE C 243 40.52 -20.68 -1.94
C ILE C 243 40.28 -20.48 -0.43
N GLU C 244 39.08 -19.98 -0.09
CA GLU C 244 38.62 -19.97 1.30
C GLU C 244 37.30 -20.71 1.39
N GLU C 245 37.17 -21.57 2.41
CA GLU C 245 35.91 -22.23 2.70
C GLU C 245 34.99 -21.24 3.39
N VAL C 246 33.74 -21.19 2.93
CA VAL C 246 32.72 -20.34 3.54
C VAL C 246 32.11 -21.10 4.71
N PRO C 247 32.12 -20.50 5.91
CA PRO C 247 31.68 -21.24 7.10
C PRO C 247 30.18 -21.16 7.31
N GLY C 248 29.69 -21.80 8.37
CA GLY C 248 28.31 -21.66 8.85
C GLY C 248 27.31 -22.19 7.84
N GLU C 249 26.09 -21.67 7.92
CA GLU C 249 25.02 -22.10 7.02
C GLU C 249 25.26 -21.57 5.62
N LEU C 250 24.97 -22.40 4.63
CA LEU C 250 25.16 -22.00 3.25
C LEU C 250 24.08 -20.99 2.89
N MET C 251 24.50 -19.83 2.38
CA MET C 251 23.56 -18.78 2.04
C MET C 251 23.87 -18.08 0.72
N GLN C 252 22.83 -17.48 0.13
CA GLN C 252 22.94 -16.79 -1.16
C GLN C 252 23.95 -15.64 -1.11
N GLU C 253 23.91 -14.85 -0.03
CA GLU C 253 24.90 -13.78 0.18
C GLU C 253 26.35 -14.26 0.07
N ASP C 254 26.56 -15.57 0.19
CA ASP C 254 27.89 -16.14 0.16
C ASP C 254 28.43 -16.31 -1.26
N LEU C 255 27.54 -16.39 -2.25
CA LEU C 255 27.97 -16.53 -3.65
C LEU C 255 28.44 -15.18 -4.20
N ALA C 256 29.76 -15.05 -4.31
CA ALA C 256 30.41 -13.81 -4.69
C ALA C 256 30.35 -13.60 -6.21
N THR C 257 29.75 -12.50 -6.63
CA THR C 257 29.50 -12.27 -8.06
C THR C 257 30.77 -12.02 -8.88
N ASP C 258 31.86 -11.61 -8.23
CA ASP C 258 33.13 -11.34 -8.93
C ASP C 258 34.00 -12.60 -9.03
N ASP C 259 33.61 -13.65 -8.32
CA ASP C 259 34.48 -14.80 -8.12
C ASP C 259 33.80 -16.07 -8.59
N VAL C 260 34.45 -17.21 -8.37
CA VAL C 260 33.90 -18.51 -8.70
C VAL C 260 33.79 -19.35 -7.42
N MET C 261 32.66 -20.05 -7.27
CA MET C 261 32.42 -20.85 -6.08
C MET C 261 32.38 -22.34 -6.41
N LEU C 262 32.83 -23.15 -5.46
CA LEU C 262 32.73 -24.61 -5.56
C LEU C 262 31.78 -25.13 -4.50
N LEU C 263 30.77 -25.88 -4.92
CA LEU C 263 29.85 -26.50 -3.97
C LEU C 263 30.08 -28.00 -3.98
N ASP C 264 30.68 -28.51 -2.90
CA ASP C 264 30.98 -29.93 -2.77
C ASP C 264 29.88 -30.65 -1.99
N THR C 265 29.00 -31.36 -2.72
CA THR C 265 27.97 -32.19 -2.10
C THR C 265 28.44 -33.66 -2.01
N TRP C 266 29.76 -33.85 -1.98
CA TRP C 266 30.44 -35.17 -1.93
C TRP C 266 30.24 -36.07 -3.17
N ASP C 267 28.99 -36.20 -3.62
CA ASP C 267 28.64 -37.01 -4.77
C ASP C 267 28.73 -36.19 -6.04
N GLN C 268 28.82 -34.87 -5.87
CA GLN C 268 28.85 -33.93 -6.97
C GLN C 268 29.58 -32.64 -6.56
N VAL C 269 30.36 -32.07 -7.47
CA VAL C 269 30.99 -30.77 -7.21
C VAL C 269 30.51 -29.74 -8.24
N PHE C 270 29.83 -28.71 -7.77
CA PHE C 270 29.36 -27.64 -8.64
C PHE C 270 30.39 -26.54 -8.74
N VAL C 271 30.71 -26.12 -9.96
CA VAL C 271 31.44 -24.89 -10.16
C VAL C 271 30.42 -23.81 -10.51
N TRP C 272 30.18 -22.92 -9.55
CA TRP C 272 29.27 -21.80 -9.73
C TRP C 272 30.08 -20.60 -10.21
N VAL C 273 29.72 -20.06 -11.38
CA VAL C 273 30.47 -18.98 -12.01
C VAL C 273 29.76 -17.65 -11.82
N GLY C 274 30.42 -16.73 -11.11
CA GLY C 274 29.89 -15.36 -10.93
C GLY C 274 29.94 -14.56 -12.22
N LYS C 275 29.00 -13.63 -12.37
CA LYS C 275 28.87 -12.86 -13.61
C LYS C 275 30.13 -12.03 -13.91
N ASP C 276 30.65 -11.35 -12.89
CA ASP C 276 31.86 -10.53 -13.04
C ASP C 276 33.13 -11.30 -12.69
N SER C 277 33.07 -12.62 -12.79
CA SER C 277 34.27 -13.43 -12.55
C SER C 277 35.08 -13.53 -13.83
N GLN C 278 36.31 -14.01 -13.72
CA GLN C 278 37.19 -14.10 -14.87
C GLN C 278 37.34 -15.54 -15.38
N GLU C 279 37.85 -15.68 -16.60
CA GLU C 279 38.06 -16.99 -17.19
C GLU C 279 39.11 -17.79 -16.42
N GLU C 280 40.20 -17.13 -16.04
CA GLU C 280 41.27 -17.76 -15.26
C GLU C 280 40.75 -18.27 -13.93
N GLU C 281 39.71 -17.63 -13.41
CA GLU C 281 39.12 -18.06 -12.17
C GLU C 281 38.33 -19.36 -12.37
N LYS C 282 37.62 -19.47 -13.49
CA LYS C 282 36.90 -20.69 -13.82
C LYS C 282 37.85 -21.86 -14.04
N THR C 283 38.87 -21.64 -14.87
CA THR C 283 39.89 -22.64 -15.20
C THR C 283 40.57 -23.24 -13.95
N GLU C 284 40.89 -22.39 -12.97
CA GLU C 284 41.53 -22.83 -11.74
C GLU C 284 40.58 -23.54 -10.76
N ALA C 285 39.33 -23.09 -10.74
CA ALA C 285 38.28 -23.70 -9.93
C ALA C 285 38.01 -25.12 -10.40
N LEU C 286 38.08 -25.32 -11.71
CA LEU C 286 37.96 -26.64 -12.31
C LEU C 286 39.12 -27.54 -11.88
N THR C 287 40.33 -26.98 -11.84
CA THR C 287 41.50 -27.72 -11.37
C THR C 287 41.33 -28.03 -9.89
N SER C 288 40.88 -27.05 -9.13
CA SER C 288 40.67 -27.21 -7.70
C SER C 288 39.58 -28.21 -7.35
N ALA C 289 38.52 -28.26 -8.15
CA ALA C 289 37.48 -29.26 -8.00
C ALA C 289 38.06 -30.66 -8.12
N LYS C 290 38.88 -30.87 -9.15
CA LYS C 290 39.55 -32.14 -9.36
C LYS C 290 40.46 -32.47 -8.18
N ARG C 291 41.17 -31.47 -7.67
CA ARG C 291 42.02 -31.63 -6.48
C ARG C 291 41.24 -32.09 -5.25
N TYR C 292 40.07 -31.49 -5.02
CA TYR C 292 39.23 -31.83 -3.87
C TYR C 292 38.67 -33.25 -3.96
N ILE C 293 38.37 -33.71 -5.17
CA ILE C 293 37.84 -35.05 -5.38
C ILE C 293 38.94 -36.09 -5.19
N GLU C 294 40.15 -35.73 -5.56
CA GLU C 294 41.28 -36.67 -5.55
C GLU C 294 42.07 -36.61 -4.25
N THR C 295 41.60 -35.80 -3.30
CA THR C 295 42.23 -35.67 -1.98
C THR C 295 42.10 -36.97 -1.21
N ASP C 296 40.86 -37.44 -1.07
CA ASP C 296 40.61 -38.71 -0.40
C ASP C 296 39.86 -39.65 -1.35
N PRO C 297 40.59 -40.26 -2.31
CA PRO C 297 39.93 -41.07 -3.34
C PRO C 297 39.14 -42.23 -2.73
N ALA C 298 39.77 -42.98 -1.83
CA ALA C 298 39.15 -44.14 -1.17
C ALA C 298 37.72 -43.87 -0.73
N ASN C 299 37.49 -42.73 -0.09
CA ASN C 299 36.23 -42.45 0.58
C ASN C 299 35.11 -41.93 -0.31
N ARG C 300 35.41 -41.60 -1.56
CA ARG C 300 34.36 -41.10 -2.44
C ARG C 300 34.27 -41.77 -3.81
N ASP C 301 33.11 -41.61 -4.45
CA ASP C 301 32.79 -42.25 -5.72
C ASP C 301 33.83 -42.07 -6.83
N ARG C 302 33.94 -43.11 -7.65
CA ARG C 302 34.81 -43.11 -8.82
C ARG C 302 34.23 -42.17 -9.88
N ARG C 303 32.90 -42.16 -9.99
CA ARG C 303 32.20 -41.38 -11.02
C ARG C 303 31.56 -40.09 -10.49
N THR C 304 32.29 -39.34 -9.67
CA THR C 304 31.81 -38.04 -9.15
C THR C 304 31.94 -36.95 -10.24
N PRO C 305 30.80 -36.42 -10.74
CA PRO C 305 30.88 -35.42 -11.82
C PRO C 305 31.09 -33.99 -11.34
N ILE C 306 31.71 -33.17 -12.19
CA ILE C 306 31.82 -31.74 -11.97
C ILE C 306 30.84 -31.03 -12.91
N THR C 307 29.98 -30.19 -12.32
CA THR C 307 28.91 -29.52 -13.03
C THR C 307 29.11 -28.01 -12.98
N VAL C 308 29.25 -27.36 -14.14
CA VAL C 308 29.33 -25.91 -14.18
C VAL C 308 27.93 -25.29 -14.24
N VAL C 309 27.70 -24.29 -13.38
CA VAL C 309 26.47 -23.51 -13.39
C VAL C 309 26.81 -22.02 -13.35
N LYS C 310 25.96 -21.21 -13.98
CA LYS C 310 26.20 -19.76 -14.05
C LYS C 310 25.29 -18.97 -13.12
N GLN C 311 25.75 -17.81 -12.68
CA GLN C 311 24.98 -16.96 -11.79
C GLN C 311 23.59 -16.71 -12.39
N GLY C 312 22.56 -16.95 -11.57
CA GLY C 312 21.17 -16.78 -11.99
C GLY C 312 20.61 -17.86 -12.91
N PHE C 313 21.32 -18.97 -13.06
CA PHE C 313 20.83 -20.09 -13.85
C PHE C 313 21.11 -21.41 -13.12
N GLU C 314 20.94 -21.39 -11.80
CA GLU C 314 21.25 -22.54 -10.97
C GLU C 314 20.10 -23.52 -10.99
N PRO C 315 20.41 -24.83 -11.10
CA PRO C 315 19.43 -25.89 -11.08
C PRO C 315 18.95 -26.17 -9.66
N PRO C 316 17.74 -26.72 -9.52
CA PRO C 316 17.17 -26.95 -8.20
C PRO C 316 18.01 -27.83 -7.27
N SER C 317 18.84 -28.70 -7.86
CA SER C 317 19.71 -29.55 -7.04
C SER C 317 20.79 -28.74 -6.34
N PHE C 318 21.09 -27.56 -6.89
CA PHE C 318 22.06 -26.60 -6.34
C PHE C 318 21.38 -25.64 -5.36
N VAL C 319 20.37 -24.94 -5.83
CA VAL C 319 19.62 -23.98 -5.01
C VAL C 319 19.22 -24.60 -3.67
N GLY C 320 18.95 -25.91 -3.69
CA GLY C 320 18.42 -26.60 -2.52
C GLY C 320 19.34 -26.68 -1.33
N TRP C 321 20.64 -26.48 -1.54
CA TRP C 321 21.59 -26.61 -0.44
C TRP C 321 21.77 -25.31 0.31
N PHE C 322 21.06 -24.28 -0.14
CA PHE C 322 21.11 -22.99 0.52
C PHE C 322 19.89 -22.78 1.39
N LEU C 323 20.08 -22.06 2.49
CA LEU C 323 19.02 -21.78 3.43
C LEU C 323 18.29 -20.51 2.97
N GLY C 324 17.15 -20.71 2.33
CA GLY C 324 16.37 -19.63 1.74
C GLY C 324 16.99 -19.16 0.44
N TRP C 325 16.17 -18.97 -0.59
CA TRP C 325 16.67 -18.51 -1.87
C TRP C 325 15.69 -17.58 -2.59
N ASP C 326 16.11 -16.33 -2.73
CA ASP C 326 15.32 -15.31 -3.42
C ASP C 326 15.65 -15.30 -4.90
N ASP C 327 14.66 -15.64 -5.73
CA ASP C 327 14.86 -15.70 -7.18
C ASP C 327 15.25 -14.34 -7.76
N ASP C 328 14.86 -13.26 -7.08
CA ASP C 328 15.16 -11.92 -7.55
C ASP C 328 16.27 -11.27 -6.70
N TYR C 329 17.31 -12.02 -6.38
CA TYR C 329 18.38 -11.49 -5.53
C TYR C 329 19.39 -10.62 -6.26
N TRP C 330 19.60 -10.89 -7.56
CA TRP C 330 20.66 -10.19 -8.30
C TRP C 330 20.15 -9.18 -9.33
CA CA D . -20.98 -27.75 -13.83
CA CA E . -26.80 -2.87 -2.85
CA CA F . -16.63 -4.98 -32.05
CA CA G . 11.86 22.46 -9.53
CA CA H . 4.64 35.31 14.28
CA CA I . -3.82 47.22 -13.03
CA CA J . 15.21 -2.99 10.24
CA CA K . 17.95 -30.81 6.63
CA CA L . 37.38 -12.41 -9.18
#